data_5RAD
#
_entry.id   5RAD
#
_cell.length_a   57.690
_cell.length_b   93.680
_cell.length_c   93.320
_cell.angle_alpha   90.000
_cell.angle_beta   107.810
_cell.angle_gamma   90.000
#
_symmetry.space_group_name_H-M   'P 1 21 1'
#
loop_
_entity.id
_entity.type
_entity.pdbx_description
1 polymer 'Lysine-specific demethylase 3B'
2 non-polymer 2-[cyclohexyl(methylsulfonyl)amino]ethanamide
3 non-polymer 'CHLORIDE ION'
4 non-polymer 'MANGANESE (II) ION'
5 water water
#
_entity_poly.entity_id   1
_entity_poly.type   'polypeptide(L)'
_entity_poly.pdbx_seq_one_letter_code
;MHHHHHHSSGVDLGTENLYFQSMTSHSWLCDGRLLCLHDPSNKNNWKIFRECWKQGQPVLVSGVHKKLKSELWKPEAFSQ
EFGDQDVDLVNCRNCAIISDVKVRDFWDGFEIICKRLRSEDGQPMVLKLKDWPPGEDFRDMMPTRFEDLMENLPLPEYTK
RDGRLNLASRLPSYFVRPDLGPKMYNAYGLITAEDRRVGTTNLHLDVSDAVNVMVYVGIPIGEGAHDEEVLKTIDEGDAD
EVTKERIHDHKEKPGALWHIYAAKDAEKIRELLRKVGEEQGQENPPDHDPIHDQSWYLDQTLRKRLYEEYGVQGWAIVQF
LGDAVFIPAGAPHQVHNLYSCIKVAEDFVSPEHVKHCFRLTQEFRHLSNTHT
;
_entity_poly.pdbx_strand_id   A,B
#
# COMPACT_ATOMS: atom_id res chain seq x y z
N SER A 22 -50.30 9.33 -6.08
CA SER A 22 -50.07 9.42 -4.61
C SER A 22 -48.58 9.27 -4.27
N MET A 23 -48.07 10.16 -3.39
N MET A 23 -48.04 10.14 -3.40
CA MET A 23 -46.76 10.01 -2.69
CA MET A 23 -46.67 10.01 -2.83
C MET A 23 -46.79 8.66 -1.95
C MET A 23 -46.66 8.81 -1.88
N THR A 24 -45.73 7.87 -2.09
CA THR A 24 -45.58 6.61 -1.30
C THR A 24 -44.18 6.58 -0.68
N SER A 25 -44.01 5.86 0.42
CA SER A 25 -42.74 5.70 1.16
C SER A 25 -41.68 5.01 0.26
N HIS A 26 -42.07 4.05 -0.60
CA HIS A 26 -41.10 3.22 -1.35
C HIS A 26 -41.80 2.44 -2.47
N SER A 27 -40.97 1.78 -3.28
CA SER A 27 -41.37 0.87 -4.37
C SER A 27 -40.25 -0.16 -4.58
N TRP A 28 -40.38 -1.04 -5.56
CA TRP A 28 -39.38 -2.10 -5.84
C TRP A 28 -38.90 -1.99 -7.30
N LEU A 29 -37.62 -2.26 -7.52
CA LEU A 29 -37.04 -2.44 -8.85
C LEU A 29 -36.39 -3.83 -8.91
N CYS A 30 -35.74 -4.16 -10.03
CA CYS A 30 -35.14 -5.50 -10.24
C CYS A 30 -36.14 -6.61 -9.86
N ASP A 31 -37.40 -6.47 -10.28
CA ASP A 31 -38.49 -7.46 -10.05
C ASP A 31 -38.66 -7.77 -8.56
N GLY A 32 -38.58 -6.78 -7.67
CA GLY A 32 -38.76 -6.95 -6.22
C GLY A 32 -37.46 -7.16 -5.46
N ARG A 33 -36.31 -7.25 -6.14
CA ARG A 33 -35.03 -7.57 -5.46
C ARG A 33 -34.32 -6.30 -4.97
N LEU A 34 -34.79 -5.11 -5.37
CA LEU A 34 -34.10 -3.82 -5.02
C LEU A 34 -35.13 -2.87 -4.41
N LEU A 35 -34.94 -2.51 -3.13
CA LEU A 35 -35.67 -1.41 -2.45
C LEU A 35 -35.36 -0.06 -3.10
N CYS A 36 -36.41 0.71 -3.40
N CYS A 36 -36.42 0.72 -3.34
CA CYS A 36 -36.31 2.13 -3.83
CA CYS A 36 -36.36 2.13 -3.81
C CYS A 36 -37.09 3.03 -2.86
C CYS A 36 -37.12 3.04 -2.84
N LEU A 37 -36.39 3.74 -1.97
CA LEU A 37 -36.99 4.72 -1.02
C LEU A 37 -37.27 6.03 -1.77
N HIS A 38 -38.40 6.72 -1.50
CA HIS A 38 -38.86 7.87 -2.34
C HIS A 38 -38.54 9.24 -1.74
N ASP A 39 -38.40 9.31 -0.43
CA ASP A 39 -38.21 10.55 0.34
C ASP A 39 -36.88 10.45 1.08
N PRO A 40 -35.83 11.16 0.60
CA PRO A 40 -34.50 11.08 1.20
C PRO A 40 -34.41 11.54 2.67
N SER A 41 -35.36 12.34 3.15
CA SER A 41 -35.27 12.96 4.50
C SER A 41 -36.32 12.38 5.46
N ASN A 42 -37.02 11.30 5.08
CA ASN A 42 -38.05 10.66 5.91
C ASN A 42 -37.38 9.96 7.09
N LYS A 43 -37.73 10.32 8.33
CA LYS A 43 -37.05 9.82 9.56
C LYS A 43 -37.31 8.34 9.80
N ASN A 44 -38.28 7.71 9.12
CA ASN A 44 -38.66 6.27 9.29
C ASN A 44 -37.99 5.38 8.23
N ASN A 45 -37.17 5.91 7.31
CA ASN A 45 -36.49 5.10 6.25
C ASN A 45 -35.73 3.90 6.86
N TRP A 46 -35.03 4.10 7.97
CA TRP A 46 -34.20 3.04 8.59
C TRP A 46 -34.98 1.72 8.76
N LYS A 47 -36.29 1.75 9.05
CA LYS A 47 -37.10 0.54 9.40
C LYS A 47 -37.19 -0.43 8.20
N ILE A 48 -37.39 0.11 6.99
CA ILE A 48 -37.44 -0.63 5.69
C ILE A 48 -36.00 -0.95 5.23
N PHE A 49 -35.12 0.01 5.39
CA PHE A 49 -33.72 -0.06 4.89
C PHE A 49 -32.98 -1.23 5.52
N ARG A 50 -33.06 -1.34 6.85
N ARG A 50 -33.05 -1.35 6.85
CA ARG A 50 -32.20 -2.23 7.68
CA ARG A 50 -32.13 -2.25 7.62
C ARG A 50 -32.45 -3.71 7.33
C ARG A 50 -32.45 -3.72 7.32
N GLU A 51 -33.70 -4.07 7.04
CA GLU A 51 -34.09 -5.47 6.66
C GLU A 51 -33.40 -5.89 5.35
N CYS A 52 -33.44 -5.05 4.32
CA CYS A 52 -32.76 -5.28 3.02
C CYS A 52 -31.23 -5.25 3.19
N TRP A 53 -30.73 -4.29 3.92
CA TRP A 53 -29.27 -4.10 4.10
C TRP A 53 -28.63 -5.30 4.81
N LYS A 54 -29.29 -5.87 5.83
CA LYS A 54 -28.72 -7.01 6.60
C LYS A 54 -28.56 -8.23 5.69
N GLN A 55 -29.36 -8.35 4.62
CA GLN A 55 -29.29 -9.49 3.68
C GLN A 55 -28.24 -9.24 2.58
N GLY A 56 -27.48 -8.17 2.63
CA GLY A 56 -26.40 -7.93 1.64
C GLY A 56 -26.91 -7.37 0.32
N GLN A 57 -28.10 -6.78 0.31
CA GLN A 57 -28.62 -6.11 -0.93
C GLN A 57 -28.15 -4.66 -1.03
N PRO A 58 -27.91 -4.15 -2.26
CA PRO A 58 -27.84 -2.70 -2.47
C PRO A 58 -29.23 -2.09 -2.26
N VAL A 59 -29.29 -0.76 -2.10
CA VAL A 59 -30.55 0.02 -1.95
C VAL A 59 -30.42 1.29 -2.81
N LEU A 60 -31.53 1.76 -3.38
CA LEU A 60 -31.61 3.03 -4.13
C LEU A 60 -32.49 4.04 -3.35
N VAL A 61 -32.05 5.31 -3.23
CA VAL A 61 -32.92 6.39 -2.68
C VAL A 61 -33.03 7.49 -3.74
N SER A 62 -34.23 7.79 -4.23
CA SER A 62 -34.42 8.83 -5.29
C SER A 62 -34.72 10.20 -4.62
N GLY A 63 -34.51 11.29 -5.36
CA GLY A 63 -34.99 12.65 -5.03
C GLY A 63 -33.97 13.50 -4.31
N VAL A 64 -32.70 13.07 -4.20
CA VAL A 64 -31.67 13.84 -3.43
C VAL A 64 -31.35 15.17 -4.16
N HIS A 65 -31.52 15.25 -5.49
CA HIS A 65 -31.26 16.51 -6.25
C HIS A 65 -32.17 17.64 -5.73
N LYS A 66 -33.42 17.35 -5.38
CA LYS A 66 -34.37 18.39 -4.90
C LYS A 66 -33.96 18.96 -3.53
N LYS A 67 -33.03 18.33 -2.80
CA LYS A 67 -32.55 18.84 -1.49
C LYS A 67 -31.33 19.75 -1.64
N LEU A 68 -30.66 19.72 -2.79
CA LEU A 68 -29.32 20.35 -2.99
C LEU A 68 -29.49 21.75 -3.60
N LYS A 69 -28.46 22.58 -3.51
CA LYS A 69 -28.42 23.92 -4.17
C LYS A 69 -27.82 23.68 -5.56
N SER A 70 -28.69 23.61 -6.57
CA SER A 70 -28.37 23.14 -7.94
C SER A 70 -27.27 23.99 -8.61
N GLU A 71 -27.10 25.26 -8.21
CA GLU A 71 -26.07 26.16 -8.79
C GLU A 71 -24.67 25.69 -8.40
N LEU A 72 -24.49 24.98 -7.28
CA LEU A 72 -23.16 24.52 -6.79
C LEU A 72 -22.65 23.27 -7.56
N TRP A 73 -23.47 22.63 -8.39
CA TRP A 73 -23.14 21.30 -8.99
C TRP A 73 -23.12 21.38 -10.53
N LYS A 74 -22.90 22.55 -11.13
CA LYS A 74 -22.88 22.70 -12.62
C LYS A 74 -21.46 22.59 -13.14
N PRO A 75 -21.22 21.95 -14.30
CA PRO A 75 -19.87 21.88 -14.87
C PRO A 75 -19.22 23.26 -15.13
N GLU A 76 -20.01 24.25 -15.59
CA GLU A 76 -19.51 25.64 -15.88
C GLU A 76 -18.92 26.29 -14.62
N ALA A 77 -19.50 26.06 -13.44
CA ALA A 77 -18.99 26.60 -12.16
C ALA A 77 -17.66 25.94 -11.78
N PHE A 78 -17.54 24.62 -11.93
CA PHE A 78 -16.28 23.91 -11.62
C PHE A 78 -15.19 24.48 -12.54
N SER A 79 -15.49 24.70 -13.82
CA SER A 79 -14.49 25.21 -14.78
C SER A 79 -14.04 26.62 -14.37
N GLN A 80 -14.98 27.52 -14.09
CA GLN A 80 -14.73 28.95 -13.75
C GLN A 80 -13.90 29.01 -12.46
N GLU A 81 -14.27 28.23 -11.42
CA GLU A 81 -13.63 28.33 -10.07
C GLU A 81 -12.30 27.57 -9.99
N PHE A 82 -12.10 26.46 -10.73
CA PHE A 82 -10.95 25.55 -10.49
C PHE A 82 -10.17 25.27 -11.78
N GLY A 83 -10.49 25.96 -12.88
CA GLY A 83 -10.04 25.62 -14.25
C GLY A 83 -8.54 25.54 -14.41
N ASP A 84 -7.76 26.29 -13.61
CA ASP A 84 -6.28 26.38 -13.77
C ASP A 84 -5.53 25.23 -13.09
N GLN A 85 -6.18 24.36 -12.32
CA GLN A 85 -5.47 23.23 -11.65
C GLN A 85 -5.01 22.24 -12.70
N ASP A 86 -3.88 21.56 -12.46
CA ASP A 86 -3.27 20.51 -13.31
C ASP A 86 -3.78 19.11 -12.92
N VAL A 87 -4.08 18.24 -13.90
CA VAL A 87 -4.75 16.93 -13.65
C VAL A 87 -4.32 15.96 -14.72
N ASP A 88 -4.59 14.69 -14.50
CA ASP A 88 -4.50 13.65 -15.54
C ASP A 88 -5.93 13.23 -15.88
N LEU A 89 -6.16 12.84 -17.12
CA LEU A 89 -7.44 12.24 -17.60
C LEU A 89 -7.15 10.81 -18.05
N VAL A 90 -8.19 9.98 -18.22
CA VAL A 90 -8.07 8.64 -18.89
C VAL A 90 -8.98 8.60 -20.11
N ASN A 91 -8.50 8.05 -21.23
CA ASN A 91 -9.33 7.73 -22.42
C ASN A 91 -10.07 6.41 -22.14
N CYS A 92 -11.40 6.47 -21.96
CA CYS A 92 -12.19 5.31 -21.46
C CYS A 92 -12.19 4.17 -22.48
N ARG A 93 -11.95 4.46 -23.76
CA ARG A 93 -12.00 3.45 -24.87
C ARG A 93 -10.75 2.58 -24.86
N ASN A 94 -9.57 3.08 -24.45
CA ASN A 94 -8.30 2.31 -24.55
C ASN A 94 -7.46 2.37 -23.27
N CYS A 95 -7.93 3.02 -22.21
CA CYS A 95 -7.21 3.26 -20.92
C CYS A 95 -5.93 4.10 -21.05
N ALA A 96 -5.68 4.77 -22.17
CA ALA A 96 -4.53 5.70 -22.29
C ALA A 96 -4.67 6.85 -21.28
N ILE A 97 -3.55 7.23 -20.65
CA ILE A 97 -3.51 8.36 -19.68
C ILE A 97 -3.10 9.62 -20.43
N ILE A 98 -3.89 10.70 -20.29
CA ILE A 98 -3.56 12.07 -20.80
C ILE A 98 -3.00 12.86 -19.61
N SER A 99 -1.68 13.05 -19.58
CA SER A 99 -0.89 13.59 -18.44
C SER A 99 -0.88 15.13 -18.41
N ASP A 100 -1.07 15.68 -17.23
CA ASP A 100 -0.65 17.07 -16.89
C ASP A 100 -1.33 18.06 -17.85
N VAL A 101 -2.68 18.05 -17.87
CA VAL A 101 -3.46 19.09 -18.58
C VAL A 101 -4.25 19.88 -17.53
N LYS A 102 -4.86 20.97 -17.96
CA LYS A 102 -5.67 21.88 -17.12
C LYS A 102 -7.05 21.24 -16.94
N VAL A 103 -7.59 21.33 -15.74
CA VAL A 103 -8.94 20.77 -15.45
C VAL A 103 -9.99 21.44 -16.36
N ARG A 104 -9.82 22.71 -16.78
CA ARG A 104 -10.79 23.32 -17.75
C ARG A 104 -10.84 22.54 -19.08
N ASP A 105 -9.78 21.84 -19.49
CA ASP A 105 -9.77 21.12 -20.80
C ASP A 105 -10.80 19.98 -20.78
N PHE A 106 -11.01 19.38 -19.59
CA PHE A 106 -12.07 18.38 -19.30
C PHE A 106 -13.43 19.06 -19.20
N TRP A 107 -13.61 20.04 -18.31
CA TRP A 107 -14.96 20.61 -18.03
C TRP A 107 -15.58 21.29 -19.28
N ASP A 108 -14.80 22.01 -20.10
CA ASP A 108 -15.38 22.81 -21.22
C ASP A 108 -15.90 21.88 -22.35
N GLY A 109 -15.47 20.62 -22.38
CA GLY A 109 -16.02 19.59 -23.28
C GLY A 109 -17.10 18.68 -22.64
N PHE A 110 -17.60 18.96 -21.44
CA PHE A 110 -18.48 18.04 -20.66
C PHE A 110 -19.76 17.76 -21.45
N GLU A 111 -20.34 18.81 -22.05
CA GLU A 111 -21.63 18.76 -22.80
C GLU A 111 -21.46 19.23 -24.24
N ILE A 112 -20.47 20.05 -24.58
CA ILE A 112 -20.27 20.52 -25.99
C ILE A 112 -19.24 19.63 -26.66
N ILE A 113 -19.67 18.78 -27.59
CA ILE A 113 -18.82 17.67 -28.10
C ILE A 113 -17.64 18.22 -28.92
N CYS A 114 -17.86 19.29 -29.70
CA CYS A 114 -16.81 19.87 -30.59
C CYS A 114 -15.71 20.53 -29.74
N LYS A 115 -15.86 20.66 -28.42
CA LYS A 115 -14.79 21.23 -27.57
C LYS A 115 -13.94 20.13 -26.92
N ARG A 116 -14.21 18.85 -27.19
CA ARG A 116 -13.50 17.74 -26.53
C ARG A 116 -12.15 17.50 -27.20
N LEU A 117 -11.13 17.13 -26.41
CA LEU A 117 -9.82 16.65 -26.92
C LEU A 117 -10.05 15.47 -27.86
N ARG A 118 -9.25 15.38 -28.93
CA ARG A 118 -9.43 14.38 -30.03
C ARG A 118 -8.29 13.36 -29.95
N SER A 119 -8.60 12.11 -30.29
CA SER A 119 -7.62 11.00 -30.47
C SER A 119 -7.00 11.10 -31.89
N GLU A 120 -5.93 10.35 -32.16
CA GLU A 120 -5.20 10.33 -33.48
C GLU A 120 -6.18 10.19 -34.64
N ASP A 121 -7.26 9.41 -34.45
CA ASP A 121 -8.28 9.13 -35.49
C ASP A 121 -9.14 10.37 -35.77
N GLY A 122 -8.95 11.46 -35.01
CA GLY A 122 -9.77 12.69 -35.11
C GLY A 122 -11.17 12.57 -34.52
N GLN A 123 -11.45 11.53 -33.71
CA GLN A 123 -12.77 11.44 -33.01
C GLN A 123 -12.66 12.19 -31.68
N PRO A 124 -13.73 12.83 -31.20
CA PRO A 124 -13.75 13.34 -29.83
C PRO A 124 -13.68 12.19 -28.80
N MET A 125 -12.81 12.30 -27.81
CA MET A 125 -12.55 11.21 -26.84
C MET A 125 -13.63 11.19 -25.74
N VAL A 126 -13.88 9.99 -25.21
CA VAL A 126 -14.71 9.79 -23.97
C VAL A 126 -13.74 9.78 -22.81
N LEU A 127 -13.75 10.81 -21.96
CA LEU A 127 -12.74 11.03 -20.92
C LEU A 127 -13.36 10.89 -19.52
N LYS A 128 -12.53 10.43 -18.61
CA LYS A 128 -12.75 10.42 -17.14
C LYS A 128 -11.69 11.31 -16.51
N LEU A 129 -12.08 12.21 -15.60
CA LEU A 129 -11.16 13.03 -14.78
C LEU A 129 -10.68 12.17 -13.59
N LYS A 130 -9.38 11.90 -13.53
CA LYS A 130 -8.76 11.02 -12.50
C LYS A 130 -8.50 11.83 -11.21
N ASP A 131 -8.94 11.30 -10.06
CA ASP A 131 -8.53 11.70 -8.68
C ASP A 131 -8.69 13.21 -8.48
N TRP A 132 -9.89 13.76 -8.66
CA TRP A 132 -10.14 15.22 -8.53
C TRP A 132 -11.48 15.47 -7.83
N PRO A 133 -11.52 16.29 -6.77
CA PRO A 133 -10.32 16.74 -6.04
C PRO A 133 -9.43 15.61 -5.53
N PRO A 134 -8.10 15.84 -5.44
CA PRO A 134 -7.14 14.78 -5.12
C PRO A 134 -7.15 14.33 -3.64
N GLY A 135 -6.84 13.05 -3.40
CA GLY A 135 -6.79 12.41 -2.07
C GLY A 135 -8.00 12.75 -1.23
N GLU A 136 -7.80 13.40 -0.08
CA GLU A 136 -8.86 13.74 0.92
C GLU A 136 -9.15 15.25 0.88
N ASP A 137 -8.80 15.94 -0.21
CA ASP A 137 -8.82 17.43 -0.27
C ASP A 137 -10.21 18.01 -0.57
N PHE A 138 -11.27 17.18 -0.73
CA PHE A 138 -12.59 17.71 -1.18
C PHE A 138 -13.05 18.83 -0.24
N ARG A 139 -13.01 18.59 1.07
CA ARG A 139 -13.58 19.52 2.10
C ARG A 139 -12.84 20.87 2.10
N ASP A 140 -11.51 20.82 2.06
CA ASP A 140 -10.62 22.02 2.04
C ASP A 140 -10.85 22.83 0.75
N MET A 141 -10.87 22.19 -0.42
CA MET A 141 -11.03 22.87 -1.73
C MET A 141 -12.46 23.42 -1.88
N MET A 142 -13.48 22.69 -1.40
CA MET A 142 -14.90 23.00 -1.71
C MET A 142 -15.80 22.97 -0.45
N PRO A 143 -15.58 23.86 0.54
CA PRO A 143 -16.30 23.77 1.82
C PRO A 143 -17.82 23.92 1.70
N THR A 144 -18.32 24.73 0.75
CA THR A 144 -19.77 24.98 0.54
C THR A 144 -20.44 23.73 -0.09
N ARG A 145 -19.76 23.05 -1.04
CA ARG A 145 -20.24 21.79 -1.67
C ARG A 145 -20.31 20.71 -0.60
N PHE A 146 -19.25 20.59 0.19
CA PHE A 146 -19.12 19.61 1.28
C PHE A 146 -20.34 19.73 2.20
N GLU A 147 -20.61 20.95 2.70
CA GLU A 147 -21.78 21.24 3.57
C GLU A 147 -23.09 20.81 2.91
N ASP A 148 -23.34 21.22 1.65
CA ASP A 148 -24.60 20.95 0.90
C ASP A 148 -24.83 19.43 0.81
N LEU A 149 -23.78 18.68 0.47
CA LEU A 149 -23.85 17.20 0.32
C LEU A 149 -24.09 16.55 1.70
N MET A 150 -23.17 16.72 2.65
CA MET A 150 -23.20 15.99 3.95
C MET A 150 -24.52 16.21 4.70
N GLU A 151 -25.11 17.41 4.60
CA GLU A 151 -26.35 17.79 5.31
C GLU A 151 -27.57 17.16 4.64
N ASN A 152 -27.44 16.59 3.45
CA ASN A 152 -28.60 16.05 2.68
C ASN A 152 -28.38 14.57 2.34
N LEU A 153 -27.37 13.90 2.89
CA LEU A 153 -27.25 12.44 2.64
C LEU A 153 -28.45 11.72 3.27
N PRO A 154 -29.03 10.72 2.58
CA PRO A 154 -30.05 9.87 3.17
C PRO A 154 -29.47 8.92 4.22
N LEU A 155 -30.32 8.31 5.06
CA LEU A 155 -29.94 7.34 6.12
C LEU A 155 -28.77 7.97 6.90
N PRO A 156 -28.93 9.18 7.48
CA PRO A 156 -27.79 9.91 8.06
C PRO A 156 -27.16 9.23 9.29
N GLU A 157 -27.89 8.34 10.02
CA GLU A 157 -27.28 7.62 11.17
C GLU A 157 -26.18 6.66 10.68
N TYR A 158 -26.33 6.15 9.47
CA TYR A 158 -25.33 5.32 8.75
C TYR A 158 -24.29 6.19 8.03
N THR A 159 -24.68 7.26 7.34
CA THR A 159 -23.80 7.87 6.31
C THR A 159 -23.02 9.11 6.82
N LYS A 160 -23.42 9.76 7.91
CA LYS A 160 -22.70 10.98 8.42
C LYS A 160 -21.42 10.55 9.15
N ARG A 161 -20.36 11.40 9.16
CA ARG A 161 -19.02 11.00 9.67
C ARG A 161 -19.15 10.47 11.10
N ASP A 162 -20.04 11.07 11.89
CA ASP A 162 -20.27 10.81 13.34
C ASP A 162 -21.67 10.20 13.62
N GLY A 163 -22.40 9.72 12.61
CA GLY A 163 -23.71 9.07 12.83
C GLY A 163 -23.56 7.89 13.77
N ARG A 164 -24.60 7.57 14.54
CA ARG A 164 -24.56 6.51 15.59
C ARG A 164 -24.32 5.10 15.00
N LEU A 165 -24.67 4.82 13.74
CA LEU A 165 -24.50 3.48 13.14
C LEU A 165 -23.35 3.47 12.13
N ASN A 166 -22.47 4.48 12.19
CA ASN A 166 -21.23 4.51 11.37
C ASN A 166 -20.05 4.21 12.31
N LEU A 167 -19.43 3.05 12.20
CA LEU A 167 -18.33 2.66 13.14
C LEU A 167 -16.96 3.21 12.64
N ALA A 168 -16.89 4.00 11.56
CA ALA A 168 -15.59 4.41 10.96
C ALA A 168 -14.66 4.99 12.02
N SER A 169 -15.17 5.94 12.82
CA SER A 169 -14.37 6.72 13.80
C SER A 169 -14.17 5.93 15.10
N ARG A 170 -14.72 4.74 15.23
CA ARG A 170 -14.83 4.05 16.54
C ARG A 170 -14.01 2.78 16.55
N LEU A 171 -13.31 2.41 15.47
CA LEU A 171 -12.74 1.03 15.31
C LEU A 171 -11.23 1.05 15.59
N PRO A 172 -10.64 0.00 16.19
CA PRO A 172 -9.18 -0.04 16.31
C PRO A 172 -8.54 -0.49 15.00
N SER A 173 -7.20 -0.59 15.00
CA SER A 173 -6.33 -0.76 13.82
C SER A 173 -6.43 -2.18 13.29
N TYR A 174 -7.10 -3.06 14.02
CA TYR A 174 -7.48 -4.41 13.53
C TYR A 174 -8.49 -4.32 12.38
N PHE A 175 -9.08 -3.15 12.13
CA PHE A 175 -10.03 -2.94 10.99
C PHE A 175 -9.44 -1.95 9.98
N VAL A 176 -9.63 -2.19 8.68
CA VAL A 176 -9.25 -1.21 7.61
C VAL A 176 -10.28 -0.08 7.63
N ARG A 177 -9.85 1.13 7.95
CA ARG A 177 -10.71 2.33 8.09
C ARG A 177 -10.72 3.08 6.76
N PRO A 178 -11.88 3.62 6.29
CA PRO A 178 -11.93 4.40 5.04
C PRO A 178 -11.22 5.74 5.18
N ASP A 179 -10.75 6.32 4.07
CA ASP A 179 -10.18 7.70 4.02
C ASP A 179 -11.32 8.65 4.37
N LEU A 180 -10.99 9.88 4.74
CA LEU A 180 -11.95 11.01 4.84
C LEU A 180 -12.42 11.41 3.43
N GLY A 181 -13.74 11.48 3.24
CA GLY A 181 -14.36 11.74 1.93
C GLY A 181 -15.00 13.11 1.97
N PRO A 182 -16.00 13.39 1.13
CA PRO A 182 -16.34 12.54 -0.01
C PRO A 182 -15.31 12.57 -1.15
N LYS A 183 -15.55 11.75 -2.16
CA LYS A 183 -14.78 11.68 -3.43
C LYS A 183 -15.75 12.02 -4.57
N MET A 184 -15.27 12.77 -5.53
CA MET A 184 -16.01 13.17 -6.74
C MET A 184 -15.62 12.26 -7.89
N TYR A 185 -16.59 11.84 -8.72
CA TYR A 185 -16.38 10.97 -9.91
C TYR A 185 -17.00 11.66 -11.13
N ASN A 186 -16.14 12.12 -12.06
CA ASN A 186 -16.54 12.97 -13.21
C ASN A 186 -16.07 12.29 -14.49
N ALA A 187 -16.98 12.03 -15.42
CA ALA A 187 -16.63 11.37 -16.71
C ALA A 187 -17.69 11.62 -17.77
N TYR A 188 -17.26 11.63 -19.04
CA TYR A 188 -18.19 11.77 -20.19
C TYR A 188 -19.04 10.48 -20.31
N GLY A 189 -20.12 10.53 -21.10
CA GLY A 189 -20.93 9.35 -21.45
C GLY A 189 -20.35 8.58 -22.62
N LEU A 190 -20.45 7.26 -22.58
CA LEU A 190 -20.05 6.35 -23.67
C LEU A 190 -21.12 6.44 -24.78
N ILE A 191 -20.70 6.39 -26.04
CA ILE A 191 -21.54 6.89 -27.17
C ILE A 191 -21.95 5.74 -28.10
N THR A 192 -20.99 4.97 -28.62
CA THR A 192 -21.19 4.07 -29.78
C THR A 192 -21.59 2.66 -29.36
N ALA A 193 -21.89 1.80 -30.35
CA ALA A 193 -22.15 0.35 -30.17
C ALA A 193 -20.91 -0.35 -29.60
N GLU A 194 -19.72 -0.03 -30.11
CA GLU A 194 -18.44 -0.59 -29.57
C GLU A 194 -18.30 -0.14 -28.11
N ASP A 195 -18.74 1.08 -27.77
CA ASP A 195 -18.57 1.63 -26.40
C ASP A 195 -19.39 0.78 -25.41
N ARG A 196 -20.37 0.00 -25.88
CA ARG A 196 -21.31 -0.76 -25.01
C ARG A 196 -20.51 -1.76 -24.15
N ARG A 197 -19.37 -2.23 -24.65
CA ARG A 197 -18.51 -3.28 -24.05
C ARG A 197 -17.46 -2.69 -23.07
N VAL A 198 -17.42 -1.39 -22.86
CA VAL A 198 -16.37 -0.69 -22.05
C VAL A 198 -17.00 -0.17 -20.76
N GLY A 199 -16.20 -0.03 -19.70
CA GLY A 199 -16.66 0.57 -18.44
C GLY A 199 -16.16 1.99 -18.27
N THR A 200 -16.90 2.82 -17.53
CA THR A 200 -16.40 4.08 -16.95
C THR A 200 -15.50 3.73 -15.76
N THR A 201 -16.00 2.90 -14.82
CA THR A 201 -15.21 2.29 -13.73
C THR A 201 -15.35 0.77 -13.84
N ASN A 202 -14.23 0.07 -13.93
CA ASN A 202 -14.17 -1.40 -14.12
C ASN A 202 -14.64 -2.14 -12.85
N LEU A 203 -14.95 -3.42 -13.00
CA LEU A 203 -15.35 -4.31 -11.88
C LEU A 203 -14.30 -4.30 -10.75
N HIS A 204 -14.72 -3.99 -9.53
CA HIS A 204 -13.86 -3.97 -8.33
C HIS A 204 -14.74 -4.09 -7.08
N LEU A 205 -14.13 -4.18 -5.90
CA LEU A 205 -14.90 -4.16 -4.62
C LEU A 205 -14.19 -3.27 -3.61
N ASP A 206 -14.92 -2.75 -2.62
CA ASP A 206 -14.44 -1.86 -1.52
C ASP A 206 -14.70 -2.58 -0.19
N VAL A 207 -13.82 -2.41 0.79
CA VAL A 207 -13.95 -3.10 2.12
C VAL A 207 -14.89 -2.33 3.04
N SER A 208 -15.20 -1.08 2.72
N SER A 208 -15.21 -1.08 2.73
CA SER A 208 -16.21 -0.25 3.44
CA SER A 208 -16.21 -0.25 3.43
C SER A 208 -17.52 -0.19 2.62
C SER A 208 -17.52 -0.20 2.63
N ASP A 209 -18.62 0.20 3.29
CA ASP A 209 -19.90 0.50 2.63
C ASP A 209 -19.71 1.85 1.93
N ALA A 210 -20.57 2.19 0.97
CA ALA A 210 -20.53 3.52 0.32
C ALA A 210 -21.92 3.94 -0.12
N VAL A 211 -22.17 5.25 -0.12
CA VAL A 211 -23.37 5.88 -0.76
C VAL A 211 -22.87 6.76 -1.90
N ASN A 212 -23.40 6.59 -3.12
CA ASN A 212 -22.98 7.35 -4.32
C ASN A 212 -24.19 8.12 -4.84
N VAL A 213 -24.10 9.47 -4.85
CA VAL A 213 -25.19 10.39 -5.30
C VAL A 213 -24.86 10.98 -6.70
N MET A 214 -25.80 10.89 -7.63
CA MET A 214 -25.79 11.57 -8.96
C MET A 214 -26.29 13.01 -8.77
N VAL A 215 -25.38 13.98 -8.80
CA VAL A 215 -25.69 15.43 -8.56
C VAL A 215 -25.89 16.17 -9.90
N TYR A 216 -25.45 15.63 -11.03
CA TYR A 216 -25.61 16.33 -12.33
C TYR A 216 -25.48 15.32 -13.46
N VAL A 217 -26.42 15.36 -14.41
CA VAL A 217 -26.36 14.61 -15.69
C VAL A 217 -26.37 15.64 -16.85
N GLY A 218 -25.35 15.58 -17.70
CA GLY A 218 -25.19 16.45 -18.87
C GLY A 218 -25.55 15.69 -20.13
N ILE A 219 -26.62 16.08 -20.78
CA ILE A 219 -27.02 15.54 -22.10
C ILE A 219 -26.41 16.44 -23.16
N PRO A 220 -25.45 15.95 -23.97
CA PRO A 220 -24.70 16.80 -24.88
C PRO A 220 -25.46 17.24 -26.13
N ILE A 221 -24.76 18.07 -26.93
CA ILE A 221 -25.22 18.84 -28.14
C ILE A 221 -24.08 18.87 -29.18
N GLY A 222 -24.46 18.86 -30.47
CA GLY A 222 -23.54 18.82 -31.63
C GLY A 222 -23.68 17.48 -32.35
N GLU A 223 -23.39 16.40 -31.64
CA GLU A 223 -23.98 15.05 -31.87
C GLU A 223 -25.13 14.87 -30.86
N GLY A 224 -26.05 15.83 -30.85
CA GLY A 224 -27.22 15.88 -29.95
C GLY A 224 -28.46 15.31 -30.61
N ALA A 225 -28.64 13.99 -30.48
CA ALA A 225 -29.73 13.18 -31.07
C ALA A 225 -29.36 11.70 -30.87
N HIS A 226 -28.58 11.44 -29.82
CA HIS A 226 -27.94 10.15 -29.47
C HIS A 226 -28.78 9.42 -28.43
N ASP A 227 -30.11 9.42 -28.60
CA ASP A 227 -31.11 8.93 -27.61
C ASP A 227 -31.30 7.42 -27.71
N GLU A 228 -31.15 6.83 -28.90
CA GLU A 228 -31.65 5.46 -29.21
C GLU A 228 -30.62 4.41 -28.81
N GLU A 229 -29.33 4.71 -28.91
CA GLU A 229 -28.26 3.77 -28.46
C GLU A 229 -28.26 3.72 -26.91
N VAL A 230 -28.68 4.79 -26.23
CA VAL A 230 -28.87 4.80 -24.74
C VAL A 230 -29.94 3.75 -24.37
N LEU A 231 -31.02 3.62 -25.16
CA LEU A 231 -32.11 2.65 -24.89
C LEU A 231 -31.64 1.20 -25.09
N LYS A 232 -30.92 0.95 -26.19
N LYS A 232 -30.94 0.95 -26.20
CA LYS A 232 -30.34 -0.38 -26.52
CA LYS A 232 -30.33 -0.36 -26.53
C LYS A 232 -29.33 -0.79 -25.44
C LYS A 232 -29.37 -0.78 -25.40
N THR A 233 -28.59 0.16 -24.86
CA THR A 233 -27.58 -0.11 -23.80
C THR A 233 -28.26 -0.56 -22.50
N ILE A 234 -29.31 0.14 -22.10
CA ILE A 234 -30.17 -0.16 -20.92
C ILE A 234 -30.83 -1.54 -21.12
N ASP A 235 -31.34 -1.80 -22.33
CA ASP A 235 -32.11 -3.04 -22.66
C ASP A 235 -31.17 -4.26 -22.58
N GLU A 236 -30.06 -4.18 -23.31
CA GLU A 236 -28.97 -5.18 -23.37
C GLU A 236 -28.28 -5.25 -21.98
N GLY A 237 -28.31 -4.16 -21.20
CA GLY A 237 -27.79 -4.14 -19.82
C GLY A 237 -28.63 -4.95 -18.84
N ASP A 238 -29.83 -5.40 -19.25
CA ASP A 238 -30.72 -6.34 -18.51
C ASP A 238 -31.58 -5.54 -17.53
N ALA A 239 -31.86 -4.26 -17.81
CA ALA A 239 -32.64 -3.39 -16.91
C ALA A 239 -34.11 -3.85 -16.92
N ASP A 240 -34.81 -3.70 -15.78
CA ASP A 240 -36.18 -4.25 -15.57
C ASP A 240 -37.21 -3.32 -16.24
N GLU A 241 -38.43 -3.83 -16.43
CA GLU A 241 -39.52 -3.11 -17.13
C GLU A 241 -39.90 -1.84 -16.36
N VAL A 242 -39.91 -1.87 -15.02
CA VAL A 242 -40.30 -0.68 -14.19
C VAL A 242 -39.25 0.45 -14.37
N THR A 243 -37.96 0.10 -14.47
CA THR A 243 -36.85 1.05 -14.70
C THR A 243 -37.04 1.71 -16.06
N LYS A 244 -37.42 0.96 -17.10
CA LYS A 244 -37.63 1.55 -18.46
C LYS A 244 -38.80 2.53 -18.43
N GLU A 245 -39.82 2.29 -17.59
CA GLU A 245 -40.97 3.22 -17.43
C GLU A 245 -40.53 4.59 -16.84
N ARG A 246 -39.37 4.70 -16.13
CA ARG A 246 -38.91 6.00 -15.53
C ARG A 246 -38.53 7.01 -16.62
N ILE A 247 -37.99 6.52 -17.74
CA ILE A 247 -37.65 7.32 -18.96
C ILE A 247 -38.95 7.70 -19.69
N HIS A 248 -39.63 6.68 -20.22
CA HIS A 248 -40.75 6.80 -21.21
C HIS A 248 -41.92 7.57 -20.59
N ASP A 249 -42.20 7.39 -19.30
CA ASP A 249 -43.45 7.90 -18.65
C ASP A 249 -43.17 9.19 -17.84
N HIS A 250 -42.02 9.33 -17.15
CA HIS A 250 -41.72 10.46 -16.21
C HIS A 250 -40.67 11.43 -16.76
N LYS A 251 -39.97 11.08 -17.86
CA LYS A 251 -38.91 11.88 -18.53
C LYS A 251 -37.79 12.27 -17.54
N GLU A 252 -37.43 11.39 -16.59
CA GLU A 252 -36.24 11.58 -15.70
C GLU A 252 -34.94 11.42 -16.51
N LYS A 253 -33.85 12.06 -16.10
CA LYS A 253 -32.53 11.98 -16.81
C LYS A 253 -31.71 10.80 -16.31
N PRO A 254 -31.42 9.77 -17.14
CA PRO A 254 -30.56 8.65 -16.74
C PRO A 254 -29.06 8.99 -16.87
N GLY A 255 -28.29 8.74 -15.81
CA GLY A 255 -26.84 9.03 -15.76
C GLY A 255 -26.01 7.83 -16.14
N ALA A 256 -26.16 6.72 -15.37
CA ALA A 256 -25.19 5.61 -15.40
C ALA A 256 -25.91 4.25 -15.20
N LEU A 257 -25.42 3.24 -15.94
CA LEU A 257 -25.80 1.80 -15.77
C LEU A 257 -24.79 1.10 -14.86
N TRP A 258 -25.27 0.57 -13.74
CA TRP A 258 -24.47 -0.20 -12.74
C TRP A 258 -24.83 -1.69 -12.85
N HIS A 259 -23.85 -2.55 -12.64
CA HIS A 259 -24.07 -3.96 -12.23
C HIS A 259 -23.40 -4.17 -10.88
N ILE A 260 -24.16 -4.71 -9.92
CA ILE A 260 -23.65 -5.05 -8.56
C ILE A 260 -23.96 -6.52 -8.28
N TYR A 261 -23.02 -7.20 -7.61
CA TYR A 261 -23.08 -8.64 -7.26
C TYR A 261 -22.95 -8.75 -5.73
N ALA A 262 -23.64 -9.72 -5.13
CA ALA A 262 -23.55 -10.02 -3.67
C ALA A 262 -22.10 -10.32 -3.27
N ALA A 263 -21.65 -9.81 -2.13
CA ALA A 263 -20.31 -10.12 -1.57
C ALA A 263 -20.05 -11.64 -1.59
N LYS A 264 -21.08 -12.47 -1.40
CA LYS A 264 -20.89 -13.93 -1.23
C LYS A 264 -20.53 -14.57 -2.59
N ASP A 265 -20.73 -13.87 -3.71
CA ASP A 265 -20.46 -14.40 -5.07
C ASP A 265 -19.09 -13.98 -5.63
N ALA A 266 -18.29 -13.21 -4.90
CA ALA A 266 -17.00 -12.64 -5.39
C ALA A 266 -16.03 -13.74 -5.88
N GLU A 267 -15.91 -14.87 -5.16
CA GLU A 267 -14.95 -15.95 -5.54
C GLU A 267 -15.44 -16.60 -6.84
N LYS A 268 -16.73 -16.86 -7.03
CA LYS A 268 -17.21 -17.41 -8.34
C LYS A 268 -16.89 -16.45 -9.48
N ILE A 269 -17.03 -15.14 -9.26
CA ILE A 269 -16.66 -14.14 -10.30
C ILE A 269 -15.15 -14.25 -10.53
N ARG A 270 -14.34 -14.38 -9.48
CA ARG A 270 -12.86 -14.55 -9.72
C ARG A 270 -12.59 -15.81 -10.56
N GLU A 271 -13.30 -16.92 -10.32
CA GLU A 271 -13.11 -18.17 -11.12
C GLU A 271 -13.46 -17.93 -12.59
N LEU A 272 -14.57 -17.26 -12.91
CA LEU A 272 -14.94 -16.95 -14.34
C LEU A 272 -13.79 -16.15 -14.98
N LEU A 273 -13.32 -15.12 -14.31
CA LEU A 273 -12.36 -14.16 -14.94
C LEU A 273 -10.98 -14.81 -15.09
N ARG A 274 -10.60 -15.76 -14.21
CA ARG A 274 -9.37 -16.56 -14.40
C ARG A 274 -9.46 -17.45 -15.65
N LYS A 275 -10.61 -18.10 -15.87
CA LYS A 275 -10.87 -18.95 -17.06
C LYS A 275 -10.86 -18.08 -18.33
N VAL A 276 -11.54 -16.95 -18.33
CA VAL A 276 -11.60 -16.09 -19.56
C VAL A 276 -10.19 -15.55 -19.85
N GLY A 277 -9.45 -15.08 -18.84
CA GLY A 277 -8.06 -14.61 -18.97
C GLY A 277 -7.20 -15.65 -19.69
N GLU A 278 -7.32 -16.92 -19.31
CA GLU A 278 -6.57 -18.06 -19.88
C GLU A 278 -6.98 -18.23 -21.34
N GLU A 279 -8.29 -18.34 -21.63
CA GLU A 279 -8.82 -18.45 -23.01
C GLU A 279 -8.22 -17.34 -23.91
N GLN A 280 -8.02 -16.14 -23.37
CA GLN A 280 -7.59 -14.96 -24.17
C GLN A 280 -6.06 -14.89 -24.18
N GLY A 281 -5.38 -15.87 -23.60
CA GLY A 281 -3.92 -16.00 -23.67
C GLY A 281 -3.20 -15.16 -22.64
N GLN A 282 -3.89 -14.59 -21.63
CA GLN A 282 -3.17 -14.01 -20.46
C GLN A 282 -2.40 -15.14 -19.78
N GLU A 283 -1.30 -14.84 -19.10
CA GLU A 283 -0.46 -15.88 -18.44
C GLU A 283 -0.34 -15.50 -16.95
N ASN A 284 -1.30 -15.97 -16.14
CA ASN A 284 -1.56 -15.47 -14.77
C ASN A 284 -1.35 -16.60 -13.77
N PRO A 285 -0.65 -16.38 -12.63
CA PRO A 285 -0.57 -17.39 -11.56
C PRO A 285 -1.97 -17.80 -11.10
N PRO A 286 -2.17 -19.07 -10.65
CA PRO A 286 -3.52 -19.62 -10.51
C PRO A 286 -4.34 -18.98 -9.38
N ASP A 287 -3.70 -18.10 -8.59
CA ASP A 287 -4.24 -17.49 -7.35
C ASP A 287 -4.46 -15.98 -7.51
N HIS A 288 -4.07 -15.37 -8.64
CA HIS A 288 -4.11 -13.89 -8.80
C HIS A 288 -5.58 -13.43 -8.78
N ASP A 289 -5.80 -12.16 -8.45
CA ASP A 289 -7.14 -11.62 -8.14
C ASP A 289 -7.61 -10.71 -9.28
N PRO A 290 -8.42 -11.19 -10.25
CA PRO A 290 -8.90 -10.34 -11.35
C PRO A 290 -9.84 -9.21 -10.91
N ILE A 291 -10.50 -9.34 -9.75
CA ILE A 291 -11.35 -8.24 -9.20
C ILE A 291 -10.42 -7.13 -8.64
N HIS A 292 -9.42 -7.48 -7.81
CA HIS A 292 -8.49 -6.45 -7.25
C HIS A 292 -7.76 -5.71 -8.39
N ASP A 293 -7.44 -6.39 -9.49
CA ASP A 293 -6.74 -5.81 -10.68
C ASP A 293 -7.56 -4.69 -11.33
N GLN A 294 -8.90 -4.74 -11.24
CA GLN A 294 -9.78 -3.64 -11.68
C GLN A 294 -9.57 -3.45 -13.18
N SER A 295 -9.41 -4.57 -13.89
CA SER A 295 -9.05 -4.58 -15.32
C SER A 295 -10.19 -5.11 -16.18
N TRP A 296 -11.29 -5.63 -15.60
CA TRP A 296 -12.42 -6.22 -16.37
C TRP A 296 -13.68 -5.34 -16.33
N TYR A 297 -14.43 -5.32 -17.44
CA TYR A 297 -15.84 -4.88 -17.51
C TYR A 297 -16.66 -6.08 -17.99
N LEU A 298 -17.70 -6.50 -17.25
CA LEU A 298 -18.57 -7.64 -17.67
C LEU A 298 -19.61 -7.13 -18.68
N ASP A 299 -19.41 -7.44 -19.96
CA ASP A 299 -20.31 -7.06 -21.08
C ASP A 299 -21.45 -8.09 -21.12
N GLN A 300 -22.38 -7.98 -22.06
CA GLN A 300 -23.56 -8.88 -22.11
C GLN A 300 -23.12 -10.37 -22.17
N THR A 301 -22.06 -10.69 -22.93
CA THR A 301 -21.56 -12.09 -23.10
C THR A 301 -21.08 -12.64 -21.75
N LEU A 302 -20.34 -11.82 -21.02
CA LEU A 302 -19.70 -12.30 -19.76
C LEU A 302 -20.77 -12.39 -18.67
N ARG A 303 -21.77 -11.51 -18.67
CA ARG A 303 -22.83 -11.55 -17.62
C ARG A 303 -23.68 -12.80 -17.84
N LYS A 304 -23.97 -13.13 -19.10
CA LYS A 304 -24.78 -14.33 -19.45
C LYS A 304 -24.02 -15.61 -19.03
N ARG A 305 -22.73 -15.65 -19.27
CA ARG A 305 -21.82 -16.77 -18.93
C ARG A 305 -21.72 -16.91 -17.39
N LEU A 306 -21.69 -15.79 -16.66
CA LEU A 306 -21.62 -15.80 -15.19
C LEU A 306 -22.88 -16.48 -14.64
N TYR A 307 -24.04 -16.13 -15.17
CA TYR A 307 -25.37 -16.68 -14.81
C TYR A 307 -25.45 -18.16 -15.19
N GLU A 308 -25.15 -18.52 -16.44
CA GLU A 308 -25.39 -19.88 -17.01
C GLU A 308 -24.41 -20.89 -16.37
N GLU A 309 -23.11 -20.54 -16.29
CA GLU A 309 -22.00 -21.47 -15.96
C GLU A 309 -21.66 -21.47 -14.45
N TYR A 310 -22.03 -20.43 -13.69
CA TYR A 310 -21.68 -20.30 -12.24
C TYR A 310 -22.91 -20.06 -11.39
N GLY A 311 -24.08 -19.85 -12.00
CA GLY A 311 -25.32 -19.68 -11.23
C GLY A 311 -25.38 -18.36 -10.49
N VAL A 312 -24.65 -17.34 -10.96
CA VAL A 312 -24.57 -16.02 -10.25
C VAL A 312 -25.44 -14.96 -10.97
N GLN A 313 -26.36 -14.37 -10.23
CA GLN A 313 -27.24 -13.29 -10.72
C GLN A 313 -26.83 -11.96 -10.05
N GLY A 314 -26.89 -10.85 -10.78
CA GLY A 314 -26.61 -9.50 -10.24
C GLY A 314 -27.84 -8.62 -10.23
N TRP A 315 -27.64 -7.34 -9.86
CA TRP A 315 -28.60 -6.25 -9.88
C TRP A 315 -28.10 -5.28 -10.97
N ALA A 316 -28.89 -5.07 -12.03
CA ALA A 316 -28.69 -4.02 -13.06
C ALA A 316 -29.49 -2.78 -12.64
N ILE A 317 -28.81 -1.67 -12.33
CA ILE A 317 -29.38 -0.46 -11.69
C ILE A 317 -29.10 0.74 -12.59
N VAL A 318 -30.14 1.44 -13.03
CA VAL A 318 -29.95 2.72 -13.76
C VAL A 318 -30.09 3.85 -12.73
N GLN A 319 -28.99 4.59 -12.52
CA GLN A 319 -28.90 5.72 -11.55
C GLN A 319 -29.29 6.99 -12.34
N PHE A 320 -30.44 7.57 -12.01
CA PHE A 320 -30.98 8.81 -12.59
C PHE A 320 -30.45 10.01 -11.78
N LEU A 321 -30.59 11.23 -12.31
CA LEU A 321 -30.30 12.47 -11.53
C LEU A 321 -30.98 12.38 -10.15
N GLY A 322 -30.23 12.64 -9.11
CA GLY A 322 -30.67 12.63 -7.71
C GLY A 322 -30.77 11.25 -7.07
N ASP A 323 -30.50 10.17 -7.80
CA ASP A 323 -30.49 8.81 -7.19
C ASP A 323 -29.22 8.58 -6.34
N ALA A 324 -29.39 8.08 -5.11
CA ALA A 324 -28.28 7.64 -4.24
C ALA A 324 -28.25 6.11 -4.24
N VAL A 325 -27.14 5.51 -4.73
CA VAL A 325 -26.91 4.04 -4.75
C VAL A 325 -26.11 3.67 -3.50
N PHE A 326 -26.66 2.79 -2.65
CA PHE A 326 -25.97 2.20 -1.47
C PHE A 326 -25.27 0.90 -1.91
N ILE A 327 -23.94 0.85 -1.81
CA ILE A 327 -23.10 -0.33 -2.20
C ILE A 327 -22.60 -1.05 -0.95
N PRO A 328 -23.04 -2.31 -0.70
CA PRO A 328 -22.55 -3.06 0.46
C PRO A 328 -21.05 -3.39 0.37
N ALA A 329 -20.36 -3.31 1.51
CA ALA A 329 -18.96 -3.75 1.67
C ALA A 329 -18.79 -5.17 1.11
N GLY A 330 -17.75 -5.33 0.29
CA GLY A 330 -17.39 -6.61 -0.33
C GLY A 330 -18.13 -6.91 -1.63
N ALA A 331 -19.11 -6.11 -2.01
CA ALA A 331 -19.93 -6.36 -3.22
C ALA A 331 -19.17 -5.91 -4.47
N PRO A 332 -18.79 -6.83 -5.41
CA PRO A 332 -18.22 -6.44 -6.70
C PRO A 332 -19.20 -5.57 -7.49
N HIS A 333 -18.68 -4.50 -8.12
CA HIS A 333 -19.53 -3.55 -8.89
C HIS A 333 -18.73 -2.83 -10.01
N GLN A 334 -19.46 -2.41 -11.03
CA GLN A 334 -18.95 -1.73 -12.25
C GLN A 334 -19.97 -0.66 -12.66
N VAL A 335 -19.50 0.39 -13.35
CA VAL A 335 -20.29 1.61 -13.69
C VAL A 335 -20.02 1.94 -15.18
N HIS A 336 -21.08 2.20 -15.96
CA HIS A 336 -21.05 2.55 -17.40
C HIS A 336 -21.90 3.83 -17.57
N ASN A 337 -21.27 4.98 -17.78
CA ASN A 337 -21.99 6.27 -17.96
C ASN A 337 -22.72 6.24 -19.31
N LEU A 338 -24.02 6.54 -19.28
CA LEU A 338 -24.90 6.67 -20.46
C LEU A 338 -24.74 8.09 -20.97
N TYR A 339 -24.73 9.08 -20.09
CA TYR A 339 -24.47 10.50 -20.45
C TYR A 339 -23.33 11.02 -19.59
N SER A 340 -22.94 12.29 -19.74
CA SER A 340 -21.89 12.91 -18.87
C SER A 340 -22.41 13.06 -17.44
N CYS A 341 -21.67 12.58 -16.43
CA CYS A 341 -22.11 12.52 -15.02
C CYS A 341 -21.14 13.17 -14.05
N ILE A 342 -21.69 13.81 -13.02
CA ILE A 342 -20.98 14.23 -11.77
C ILE A 342 -21.60 13.41 -10.64
N LYS A 343 -20.79 12.58 -9.99
CA LYS A 343 -21.21 11.75 -8.84
C LYS A 343 -20.33 12.13 -7.65
N VAL A 344 -20.88 12.08 -6.44
CA VAL A 344 -20.14 12.26 -5.17
C VAL A 344 -20.51 11.11 -4.21
N ALA A 345 -19.49 10.44 -3.70
CA ALA A 345 -19.62 9.22 -2.87
C ALA A 345 -18.95 9.44 -1.51
N GLU A 346 -19.51 8.85 -0.47
CA GLU A 346 -19.01 8.86 0.92
C GLU A 346 -18.93 7.41 1.42
N ASP A 347 -17.79 7.03 1.97
CA ASP A 347 -17.59 5.72 2.63
C ASP A 347 -18.16 5.75 4.06
N PHE A 348 -18.60 4.58 4.56
CA PHE A 348 -19.06 4.43 5.97
C PHE A 348 -18.89 2.96 6.36
N VAL A 349 -18.97 2.65 7.67
CA VAL A 349 -18.79 1.26 8.18
C VAL A 349 -20.02 0.90 9.02
N SER A 350 -20.99 0.23 8.40
CA SER A 350 -22.23 -0.19 9.10
C SER A 350 -21.90 -1.41 9.97
N PRO A 351 -22.58 -1.60 11.11
CA PRO A 351 -22.32 -2.78 11.92
C PRO A 351 -22.70 -4.09 11.21
N GLU A 352 -23.69 -4.05 10.31
CA GLU A 352 -24.15 -5.19 9.47
C GLU A 352 -22.99 -5.78 8.66
N HIS A 353 -21.99 -4.98 8.26
CA HIS A 353 -20.96 -5.43 7.26
C HIS A 353 -19.52 -5.22 7.76
N VAL A 354 -19.32 -4.93 9.04
CA VAL A 354 -17.97 -4.63 9.62
C VAL A 354 -17.02 -5.83 9.45
N LYS A 355 -17.53 -7.07 9.40
CA LYS A 355 -16.71 -8.29 9.12
C LYS A 355 -15.85 -8.05 7.88
N HIS A 356 -16.32 -7.31 6.88
CA HIS A 356 -15.66 -7.19 5.55
C HIS A 356 -14.34 -6.44 5.67
N CYS A 357 -14.10 -5.66 6.74
CA CYS A 357 -12.88 -4.83 6.87
C CYS A 357 -11.95 -5.31 8.01
N PHE A 358 -12.24 -6.47 8.63
CA PHE A 358 -11.44 -7.06 9.73
C PHE A 358 -10.14 -7.66 9.16
N ARG A 359 -8.98 -7.40 9.79
CA ARG A 359 -7.65 -7.78 9.24
C ARG A 359 -7.25 -9.21 9.64
N LEU A 360 -8.06 -9.97 10.40
CA LEU A 360 -7.72 -11.38 10.78
C LEU A 360 -8.77 -12.40 10.31
N THR A 361 -8.48 -13.70 10.55
CA THR A 361 -9.13 -14.93 10.00
C THR A 361 -9.77 -14.64 8.65
N MET B 23 47.36 -17.92 11.98
CA MET B 23 46.58 -19.15 12.30
C MET B 23 45.15 -18.80 12.76
N THR B 24 44.82 -17.52 13.00
CA THR B 24 43.41 -17.09 13.22
C THR B 24 42.54 -17.65 12.10
N SER B 25 41.49 -18.39 12.44
CA SER B 25 40.56 -18.99 11.43
C SER B 25 39.78 -17.87 10.71
N HIS B 26 39.96 -17.77 9.40
CA HIS B 26 39.28 -16.77 8.54
C HIS B 26 39.19 -17.24 7.10
N SER B 27 38.37 -16.56 6.30
CA SER B 27 38.30 -16.68 4.82
C SER B 27 37.87 -15.33 4.28
N TRP B 28 37.83 -15.18 2.97
CA TRP B 28 37.47 -13.94 2.26
C TRP B 28 36.27 -14.26 1.37
N LEU B 29 35.17 -13.51 1.48
CA LEU B 29 33.98 -13.63 0.59
C LEU B 29 33.88 -12.37 -0.27
N CYS B 30 32.79 -12.22 -1.04
CA CYS B 30 32.64 -11.09 -1.99
C CYS B 30 33.93 -11.03 -2.86
N ASP B 31 34.36 -12.18 -3.40
CA ASP B 31 35.52 -12.28 -4.34
C ASP B 31 36.76 -11.61 -3.71
N GLY B 32 37.14 -12.03 -2.49
CA GLY B 32 38.37 -11.58 -1.78
C GLY B 32 38.25 -10.26 -1.01
N ARG B 33 37.11 -9.54 -1.04
CA ARG B 33 37.01 -8.15 -0.50
C ARG B 33 36.34 -8.09 0.90
N LEU B 34 35.88 -9.22 1.46
CA LEU B 34 35.15 -9.23 2.77
C LEU B 34 35.82 -10.23 3.69
N LEU B 35 36.45 -9.73 4.77
CA LEU B 35 37.01 -10.59 5.83
C LEU B 35 35.86 -11.31 6.56
N CYS B 36 35.93 -12.63 6.71
CA CYS B 36 35.04 -13.44 7.58
C CYS B 36 35.87 -14.14 8.65
N LEU B 37 35.73 -13.79 9.93
CA LEU B 37 36.41 -14.45 11.08
C LEU B 37 35.47 -15.53 11.65
N HIS B 38 35.99 -16.74 11.92
CA HIS B 38 35.13 -17.93 12.16
C HIS B 38 35.11 -18.34 13.64
N ASP B 39 36.02 -17.84 14.49
CA ASP B 39 35.94 -18.14 15.95
C ASP B 39 35.67 -16.84 16.72
N PRO B 40 34.41 -16.64 17.22
CA PRO B 40 34.02 -15.34 17.76
C PRO B 40 34.75 -14.94 19.06
N SER B 41 35.33 -15.90 19.79
CA SER B 41 36.09 -15.66 21.03
C SER B 41 37.62 -15.76 20.84
N ASN B 42 38.15 -15.87 19.62
CA ASN B 42 39.64 -15.86 19.44
C ASN B 42 40.20 -14.46 19.77
N LYS B 43 41.07 -14.36 20.76
CA LYS B 43 41.70 -13.11 21.28
C LYS B 43 42.59 -12.46 20.20
N ASN B 44 42.95 -13.16 19.12
CA ASN B 44 43.81 -12.59 18.05
C ASN B 44 42.96 -11.98 16.91
N ASN B 45 41.61 -11.99 17.00
CA ASN B 45 40.72 -11.57 15.87
C ASN B 45 41.08 -10.15 15.41
N TRP B 46 41.48 -9.28 16.34
CA TRP B 46 41.84 -7.86 16.07
C TRP B 46 42.94 -7.74 14.98
N LYS B 47 43.85 -8.72 14.83
CA LYS B 47 45.11 -8.56 14.04
C LYS B 47 44.80 -8.28 12.57
N ILE B 48 43.96 -9.11 11.95
CA ILE B 48 43.54 -8.99 10.51
C ILE B 48 42.39 -7.98 10.36
N PHE B 49 41.51 -7.89 11.37
CA PHE B 49 40.40 -6.91 11.45
C PHE B 49 40.90 -5.48 11.18
N ARG B 50 41.99 -5.09 11.87
CA ARG B 50 42.53 -3.70 11.93
C ARG B 50 42.66 -3.06 10.54
N GLU B 51 43.40 -3.69 9.61
CA GLU B 51 43.63 -3.11 8.28
C GLU B 51 42.32 -3.05 7.47
N CYS B 52 41.47 -4.08 7.49
CA CYS B 52 40.15 -4.01 6.80
C CYS B 52 39.37 -2.78 7.31
N TRP B 53 39.31 -2.62 8.63
CA TRP B 53 38.52 -1.56 9.30
C TRP B 53 39.12 -0.19 8.97
N LYS B 54 40.46 -0.08 8.94
CA LYS B 54 41.14 1.20 8.59
C LYS B 54 40.77 1.58 7.14
N GLN B 55 40.65 0.63 6.22
CA GLN B 55 40.30 0.90 4.80
C GLN B 55 38.79 1.17 4.62
N GLY B 56 37.99 1.15 5.70
CA GLY B 56 36.54 1.49 5.63
C GLY B 56 35.68 0.32 5.16
N GLN B 57 36.14 -0.91 5.33
CA GLN B 57 35.41 -2.14 4.89
C GLN B 57 34.55 -2.68 6.03
N PRO B 58 33.35 -3.19 5.75
CA PRO B 58 32.66 -4.05 6.70
C PRO B 58 33.48 -5.34 6.91
N VAL B 59 33.18 -6.04 7.98
CA VAL B 59 33.76 -7.34 8.40
C VAL B 59 32.62 -8.21 8.95
N LEU B 60 32.65 -9.51 8.70
CA LEU B 60 31.70 -10.49 9.27
C LEU B 60 32.43 -11.42 10.26
N VAL B 61 31.77 -11.77 11.34
CA VAL B 61 32.25 -12.77 12.36
C VAL B 61 31.11 -13.78 12.52
N SER B 62 31.37 -15.06 12.26
CA SER B 62 30.32 -16.11 12.30
C SER B 62 30.40 -16.85 13.66
N GLY B 63 29.36 -17.62 14.01
CA GLY B 63 29.37 -18.54 15.17
C GLY B 63 28.84 -17.93 16.46
N VAL B 64 28.29 -16.71 16.48
CA VAL B 64 27.89 -16.03 17.75
C VAL B 64 26.70 -16.76 18.40
N HIS B 65 25.79 -17.35 17.62
CA HIS B 65 24.61 -18.14 18.10
C HIS B 65 25.04 -19.28 19.03
N LYS B 66 26.17 -19.90 18.74
CA LYS B 66 26.73 -21.02 19.54
C LYS B 66 27.18 -20.53 20.92
N LYS B 67 27.38 -19.23 21.12
CA LYS B 67 27.80 -18.65 22.43
C LYS B 67 26.60 -18.19 23.29
N LEU B 68 25.40 -18.08 22.71
CA LEU B 68 24.19 -17.53 23.40
C LEU B 68 23.37 -18.68 24.02
N LYS B 69 22.44 -18.36 24.92
CA LYS B 69 21.37 -19.27 25.40
C LYS B 69 20.20 -19.25 24.41
N SER B 70 20.07 -20.24 23.56
CA SER B 70 19.14 -20.23 22.40
C SER B 70 17.66 -20.10 22.84
N GLU B 71 17.29 -20.54 24.03
CA GLU B 71 15.90 -20.50 24.56
C GLU B 71 15.49 -19.05 24.86
N LEU B 72 16.45 -18.12 25.06
CA LEU B 72 16.15 -16.67 25.30
C LEU B 72 15.77 -15.96 23.98
N TRP B 73 16.08 -16.51 22.80
CA TRP B 73 16.00 -15.77 21.51
C TRP B 73 14.94 -16.38 20.57
N LYS B 74 13.85 -16.94 21.08
CA LYS B 74 12.80 -17.62 20.27
C LYS B 74 11.54 -16.76 20.20
N PRO B 75 10.86 -16.66 19.04
CA PRO B 75 9.62 -15.88 18.93
C PRO B 75 8.59 -16.23 20.01
N GLU B 76 8.40 -17.53 20.30
CA GLU B 76 7.38 -18.03 21.27
C GLU B 76 7.72 -17.46 22.66
N ALA B 77 8.99 -17.31 23.02
CA ALA B 77 9.37 -16.77 24.35
C ALA B 77 9.02 -15.27 24.45
N PHE B 78 9.26 -14.47 23.41
CA PHE B 78 8.93 -13.02 23.41
C PHE B 78 7.41 -12.86 23.53
N SER B 79 6.64 -13.68 22.83
CA SER B 79 5.16 -13.67 22.86
C SER B 79 4.63 -14.02 24.27
N GLN B 80 5.08 -15.11 24.89
CA GLN B 80 4.59 -15.51 26.25
C GLN B 80 5.01 -14.45 27.27
N GLU B 81 6.22 -13.90 27.17
CA GLU B 81 6.74 -12.97 28.20
C GLU B 81 6.16 -11.57 28.04
N PHE B 82 5.96 -11.05 26.81
CA PHE B 82 5.68 -9.62 26.60
C PHE B 82 4.45 -9.40 25.71
N GLY B 83 3.64 -10.42 25.44
CA GLY B 83 2.61 -10.43 24.38
C GLY B 83 1.44 -9.47 24.59
N ASP B 84 1.18 -9.01 25.82
CA ASP B 84 0.00 -8.15 26.11
C ASP B 84 0.41 -6.67 26.13
N GLN B 85 1.64 -6.35 25.75
CA GLN B 85 2.07 -4.94 25.51
C GLN B 85 1.44 -4.40 24.20
N ASP B 86 1.18 -3.10 24.16
CA ASP B 86 0.65 -2.40 22.97
C ASP B 86 1.84 -1.85 22.18
N VAL B 87 1.71 -1.82 20.85
CA VAL B 87 2.86 -1.57 19.96
C VAL B 87 2.38 -1.09 18.57
N ASP B 88 3.22 -0.35 17.86
CA ASP B 88 3.00 -0.01 16.44
C ASP B 88 3.80 -1.00 15.59
N LEU B 89 3.21 -1.41 14.47
CA LEU B 89 3.87 -2.16 13.37
C LEU B 89 3.96 -1.26 12.13
N VAL B 90 4.89 -1.60 11.22
CA VAL B 90 5.04 -0.99 9.86
C VAL B 90 4.84 -2.06 8.80
N ASN B 91 3.99 -1.75 7.83
CA ASN B 91 3.83 -2.54 6.58
C ASN B 91 5.01 -2.21 5.65
N CYS B 92 5.93 -3.16 5.42
CA CYS B 92 7.21 -2.97 4.65
C CYS B 92 6.91 -2.66 3.17
N ARG B 93 5.78 -3.13 2.62
CA ARG B 93 5.38 -2.92 1.21
C ARG B 93 4.97 -1.44 0.96
N ASN B 94 4.31 -0.75 1.90
CA ASN B 94 3.81 0.63 1.64
C ASN B 94 4.25 1.64 2.73
N CYS B 95 5.01 1.22 3.74
CA CYS B 95 5.45 2.07 4.89
C CYS B 95 4.27 2.56 5.75
N ALA B 96 3.06 2.00 5.63
CA ALA B 96 1.92 2.41 6.50
C ALA B 96 2.16 1.94 7.94
N ILE B 97 1.74 2.73 8.93
CA ILE B 97 1.82 2.38 10.37
C ILE B 97 0.52 1.67 10.79
N ILE B 98 0.60 0.47 11.35
CA ILE B 98 -0.55 -0.19 12.05
C ILE B 98 -0.41 0.12 13.56
N SER B 99 -1.24 1.02 14.09
CA SER B 99 -1.03 1.61 15.44
C SER B 99 -1.83 0.87 16.52
N ASP B 100 -1.13 0.63 17.63
CA ASP B 100 -1.73 0.23 18.92
C ASP B 100 -2.36 -1.15 18.78
N VAL B 101 -1.60 -2.11 18.27
CA VAL B 101 -2.00 -3.55 18.33
C VAL B 101 -1.19 -4.23 19.43
N LYS B 102 -1.34 -5.55 19.59
CA LYS B 102 -0.67 -6.32 20.67
C LYS B 102 0.61 -6.95 20.13
N VAL B 103 1.67 -6.94 20.93
CA VAL B 103 3.00 -7.54 20.60
C VAL B 103 2.76 -9.00 20.20
N ARG B 104 1.82 -9.73 20.82
CA ARG B 104 1.54 -11.16 20.45
C ARG B 104 1.02 -11.29 19.01
N ASP B 105 0.36 -10.26 18.47
CA ASP B 105 -0.19 -10.31 17.09
C ASP B 105 0.95 -10.20 16.06
N PHE B 106 2.09 -9.58 16.41
CA PHE B 106 3.33 -9.67 15.58
C PHE B 106 3.93 -11.08 15.71
N TRP B 107 4.28 -11.53 16.93
CA TRP B 107 5.09 -12.78 17.16
C TRP B 107 4.31 -14.03 16.71
N ASP B 108 2.98 -14.05 16.85
CA ASP B 108 2.21 -15.30 16.55
C ASP B 108 2.17 -15.55 15.04
N GLY B 109 2.39 -14.53 14.20
CA GLY B 109 2.51 -14.67 12.74
C GLY B 109 3.95 -14.78 12.21
N PHE B 110 4.92 -14.81 13.11
CA PHE B 110 6.36 -14.71 12.74
C PHE B 110 6.71 -15.80 11.72
N GLU B 111 6.23 -17.02 11.94
CA GLU B 111 6.49 -18.20 11.08
C GLU B 111 5.20 -18.87 10.56
N ILE B 112 4.01 -18.56 11.10
CA ILE B 112 2.70 -19.07 10.59
C ILE B 112 1.99 -17.97 9.77
N ILE B 113 2.03 -18.07 8.45
CA ILE B 113 1.59 -16.97 7.54
C ILE B 113 0.07 -16.74 7.65
N CYS B 114 -0.71 -17.81 7.85
CA CYS B 114 -2.19 -17.71 7.90
C CYS B 114 -2.61 -16.92 9.15
N LYS B 115 -1.71 -16.72 10.14
CA LYS B 115 -2.00 -15.99 11.41
C LYS B 115 -1.69 -14.48 11.33
N ARG B 116 -1.21 -14.01 10.19
CA ARG B 116 -0.73 -12.60 10.01
C ARG B 116 -1.92 -11.66 9.74
N LEU B 117 -1.79 -10.40 10.19
CA LEU B 117 -2.72 -9.28 9.88
C LEU B 117 -2.75 -9.04 8.38
N ARG B 118 -3.89 -9.27 7.73
CA ARG B 118 -4.09 -9.09 6.27
C ARG B 118 -4.18 -7.60 5.94
N SER B 119 -3.86 -7.24 4.70
CA SER B 119 -4.02 -5.89 4.10
C SER B 119 -5.40 -5.79 3.44
N GLU B 120 -5.69 -4.65 2.80
CA GLU B 120 -6.99 -4.34 2.13
C GLU B 120 -7.26 -5.36 1.02
N ASP B 121 -6.20 -5.79 0.32
CA ASP B 121 -6.26 -6.78 -0.80
C ASP B 121 -6.55 -8.18 -0.25
N GLY B 122 -6.65 -8.34 1.08
CA GLY B 122 -6.79 -9.67 1.69
C GLY B 122 -5.49 -10.45 1.81
N GLN B 123 -4.34 -9.91 1.40
CA GLN B 123 -3.05 -10.67 1.51
C GLN B 123 -2.48 -10.55 2.93
N PRO B 124 -1.75 -11.57 3.41
CA PRO B 124 -0.97 -11.45 4.65
C PRO B 124 0.11 -10.36 4.48
N MET B 125 0.29 -9.52 5.50
CA MET B 125 1.25 -8.39 5.40
C MET B 125 2.66 -8.88 5.77
N VAL B 126 3.66 -8.25 5.18
CA VAL B 126 5.06 -8.31 5.66
C VAL B 126 5.26 -7.14 6.62
N LEU B 127 5.45 -7.44 7.90
CA LEU B 127 5.44 -6.42 8.96
C LEU B 127 6.79 -6.35 9.69
N LYS B 128 7.11 -5.18 10.24
CA LYS B 128 8.21 -5.03 11.19
C LYS B 128 7.71 -4.38 12.47
N LEU B 129 8.21 -4.84 13.60
CA LEU B 129 7.89 -4.28 14.91
C LEU B 129 8.67 -2.98 15.04
N LYS B 130 7.98 -1.86 15.29
CA LYS B 130 8.59 -0.52 15.43
C LYS B 130 8.91 -0.21 16.92
N ASP B 131 10.14 0.27 17.14
CA ASP B 131 10.65 0.85 18.41
C ASP B 131 10.31 -0.06 19.60
N TRP B 132 10.78 -1.29 19.57
CA TRP B 132 10.50 -2.26 20.67
C TRP B 132 11.74 -3.09 20.98
N PRO B 133 12.12 -3.24 22.27
CA PRO B 133 11.56 -2.44 23.36
C PRO B 133 11.71 -0.94 23.10
N PRO B 134 10.82 -0.08 23.63
CA PRO B 134 10.83 1.36 23.35
C PRO B 134 12.05 2.11 23.91
N GLY B 135 12.58 3.04 23.09
CA GLY B 135 13.71 3.92 23.42
C GLY B 135 14.88 3.11 23.91
N GLU B 136 15.25 3.31 25.19
CA GLU B 136 16.43 2.69 25.86
C GLU B 136 15.93 1.71 26.94
N ASP B 137 14.73 1.17 26.79
CA ASP B 137 14.14 0.19 27.76
C ASP B 137 14.77 -1.22 27.66
N PHE B 138 15.62 -1.50 26.65
CA PHE B 138 16.07 -2.91 26.39
C PHE B 138 16.70 -3.48 27.67
N ARG B 139 17.60 -2.75 28.34
CA ARG B 139 18.28 -3.27 29.56
C ARG B 139 17.28 -3.51 30.69
N ASP B 140 16.35 -2.59 30.94
CA ASP B 140 15.36 -2.70 32.05
C ASP B 140 14.32 -3.77 31.74
N MET B 141 13.81 -3.82 30.50
CA MET B 141 12.71 -4.77 30.15
C MET B 141 13.26 -6.19 30.02
N MET B 142 14.49 -6.34 29.53
CA MET B 142 15.05 -7.68 29.15
C MET B 142 16.44 -7.86 29.73
N PRO B 143 16.62 -7.84 31.08
CA PRO B 143 17.96 -7.84 31.68
C PRO B 143 18.80 -9.10 31.42
N THR B 144 18.18 -10.29 31.31
CA THR B 144 18.90 -11.57 31.07
C THR B 144 19.38 -11.63 29.60
N ARG B 145 18.55 -11.20 28.63
CA ARG B 145 18.96 -11.02 27.19
C ARG B 145 20.09 -10.00 27.06
N PHE B 146 20.01 -8.87 27.76
CA PHE B 146 21.08 -7.83 27.73
C PHE B 146 22.40 -8.48 28.12
N GLU B 147 22.41 -9.26 29.21
CA GLU B 147 23.62 -9.92 29.78
C GLU B 147 24.16 -10.95 28.78
N ASP B 148 23.29 -11.80 28.23
CA ASP B 148 23.63 -12.88 27.26
C ASP B 148 24.28 -12.27 26.01
N LEU B 149 23.73 -11.17 25.47
CA LEU B 149 24.31 -10.51 24.27
C LEU B 149 25.66 -9.84 24.59
N MET B 150 25.70 -8.93 25.58
CA MET B 150 26.90 -8.10 25.86
C MET B 150 28.08 -8.99 26.26
N GLU B 151 27.85 -10.06 27.03
CA GLU B 151 28.95 -10.94 27.48
C GLU B 151 29.56 -11.65 26.26
N ASN B 152 28.87 -11.71 25.11
CA ASN B 152 29.25 -12.66 24.02
C ASN B 152 29.47 -11.92 22.68
N LEU B 153 29.50 -10.60 22.69
CA LEU B 153 29.77 -9.76 21.48
C LEU B 153 31.21 -10.03 21.04
N PRO B 154 31.45 -10.24 19.73
CA PRO B 154 32.82 -10.36 19.23
C PRO B 154 33.56 -9.03 19.21
N LEU B 155 34.88 -9.09 19.05
CA LEU B 155 35.83 -7.93 19.16
C LEU B 155 35.46 -7.08 20.37
N PRO B 156 35.46 -7.67 21.58
CA PRO B 156 34.95 -6.99 22.77
C PRO B 156 35.74 -5.72 23.18
N GLU B 157 37.03 -5.64 22.87
CA GLU B 157 37.88 -4.42 23.10
C GLU B 157 37.26 -3.24 22.36
N TYR B 158 36.57 -3.53 21.25
CA TYR B 158 35.94 -2.50 20.36
C TYR B 158 34.47 -2.29 20.75
N THR B 159 33.76 -3.36 21.09
CA THR B 159 32.26 -3.36 21.11
C THR B 159 31.66 -3.22 22.52
N LYS B 160 32.34 -3.64 23.59
CA LYS B 160 31.81 -3.48 24.99
C LYS B 160 32.03 -2.05 25.51
N ARG B 161 31.19 -1.59 26.45
N ARG B 161 31.20 -1.62 26.47
CA ARG B 161 31.25 -0.21 27.01
CA ARG B 161 31.20 -0.24 27.04
C ARG B 161 32.63 0.07 27.60
C ARG B 161 32.57 0.08 27.66
N ASP B 162 33.16 -0.86 28.40
CA ASP B 162 34.49 -0.66 29.05
C ASP B 162 35.60 -1.32 28.22
N GLY B 163 35.37 -1.61 26.93
CA GLY B 163 36.41 -2.04 25.98
C GLY B 163 37.58 -1.05 25.89
N ARG B 164 38.79 -1.56 25.86
CA ARG B 164 40.05 -0.77 25.80
C ARG B 164 40.01 0.21 24.63
N LEU B 165 39.39 -0.15 23.50
CA LEU B 165 39.44 0.69 22.26
C LEU B 165 38.04 1.19 21.91
N ASN B 166 37.03 1.09 22.79
CA ASN B 166 35.72 1.77 22.58
C ASN B 166 35.84 3.14 23.25
N LEU B 167 35.66 4.21 22.48
CA LEU B 167 35.79 5.61 22.98
C LEU B 167 34.44 6.23 23.36
N ALA B 168 33.32 5.53 23.14
CA ALA B 168 31.94 6.07 23.29
C ALA B 168 31.72 6.66 24.68
N SER B 169 32.15 5.99 25.76
CA SER B 169 31.87 6.48 27.15
C SER B 169 32.77 7.65 27.54
N ARG B 170 33.87 7.89 26.83
CA ARG B 170 34.87 8.91 27.18
C ARG B 170 34.68 10.22 26.42
N LEU B 171 34.08 10.20 25.22
CA LEU B 171 34.03 11.37 24.31
C LEU B 171 32.82 12.25 24.56
N PRO B 172 33.00 13.57 24.37
CA PRO B 172 31.91 14.54 24.42
C PRO B 172 30.84 14.32 23.35
N SER B 173 29.72 14.98 23.52
CA SER B 173 28.49 14.79 22.70
C SER B 173 28.70 15.24 21.26
N TYR B 174 29.75 16.02 20.96
CA TYR B 174 30.03 16.45 19.57
C TYR B 174 30.69 15.31 18.77
N PHE B 175 31.02 14.16 19.40
CA PHE B 175 31.47 12.90 18.70
C PHE B 175 30.39 11.82 18.70
N VAL B 176 29.53 11.75 19.73
CA VAL B 176 28.70 10.55 20.02
C VAL B 176 27.57 10.86 21.01
N ARG B 177 26.40 10.26 20.81
CA ARG B 177 25.24 10.38 21.73
C ARG B 177 25.64 9.68 23.04
N PRO B 178 25.20 10.16 24.23
CA PRO B 178 25.53 9.46 25.48
C PRO B 178 24.74 8.16 25.74
N ASP B 179 25.32 7.29 26.58
CA ASP B 179 24.67 6.08 27.15
C ASP B 179 24.12 5.16 26.03
N LEU B 180 25.00 4.64 25.17
CA LEU B 180 24.63 3.70 24.08
C LEU B 180 24.18 2.39 24.74
N GLY B 181 23.08 1.82 24.24
CA GLY B 181 22.59 0.47 24.59
C GLY B 181 22.05 -0.24 23.36
N PRO B 182 21.84 -1.57 23.42
CA PRO B 182 21.44 -2.32 22.24
C PRO B 182 20.00 -2.05 21.77
N LYS B 183 19.78 -2.26 20.48
CA LYS B 183 18.49 -2.09 19.77
C LYS B 183 18.18 -3.41 19.07
N MET B 184 16.92 -3.79 19.09
CA MET B 184 16.41 -5.05 18.50
C MET B 184 15.73 -4.72 17.18
N TYR B 185 15.99 -5.45 16.08
CA TYR B 185 15.28 -5.33 14.78
C TYR B 185 14.56 -6.63 14.45
N ASN B 186 13.22 -6.58 14.41
CA ASN B 186 12.29 -7.72 14.32
C ASN B 186 11.36 -7.49 13.12
N ALA B 187 11.41 -8.33 12.09
CA ALA B 187 10.56 -8.14 10.90
C ALA B 187 10.39 -9.47 10.16
N TYR B 188 9.26 -9.60 9.46
CA TYR B 188 8.94 -10.78 8.64
C TYR B 188 9.86 -10.78 7.42
N GLY B 189 9.95 -11.94 6.75
CA GLY B 189 10.64 -12.12 5.46
C GLY B 189 9.83 -11.58 4.29
N LEU B 190 10.47 -10.91 3.34
CA LEU B 190 9.82 -10.52 2.07
C LEU B 190 9.63 -11.79 1.20
N ILE B 191 8.54 -11.88 0.40
CA ILE B 191 7.99 -13.18 -0.15
C ILE B 191 7.94 -13.23 -1.69
N THR B 192 7.33 -12.23 -2.34
CA THR B 192 6.93 -12.25 -3.78
C THR B 192 8.02 -11.69 -4.68
N ALA B 193 7.88 -11.90 -6.00
CA ALA B 193 8.70 -11.28 -7.06
C ALA B 193 8.68 -9.75 -6.96
N GLU B 194 7.52 -9.15 -6.70
CA GLU B 194 7.38 -7.67 -6.54
C GLU B 194 8.13 -7.22 -5.25
N ASP B 195 8.20 -8.08 -4.23
CA ASP B 195 8.90 -7.79 -2.94
C ASP B 195 10.41 -7.65 -3.16
N ARG B 196 10.97 -8.23 -4.22
CA ARG B 196 12.43 -8.15 -4.50
C ARG B 196 12.93 -6.70 -4.53
N ARG B 197 12.10 -5.72 -4.90
CA ARG B 197 12.52 -4.30 -5.03
C ARG B 197 12.20 -3.51 -3.75
N VAL B 198 11.81 -4.21 -2.68
CA VAL B 198 11.40 -3.61 -1.38
C VAL B 198 12.50 -3.88 -0.35
N GLY B 199 12.78 -2.91 0.52
CA GLY B 199 13.68 -3.05 1.68
C GLY B 199 12.93 -3.39 2.96
N THR B 200 13.50 -4.20 3.83
CA THR B 200 13.11 -4.25 5.26
C THR B 200 13.51 -2.91 5.92
N THR B 201 14.74 -2.47 5.67
CA THR B 201 15.31 -1.18 6.14
C THR B 201 15.87 -0.46 4.91
N ASN B 202 15.37 0.73 4.60
CA ASN B 202 15.78 1.44 3.37
C ASN B 202 17.19 2.00 3.54
N LEU B 203 17.81 2.32 2.41
CA LEU B 203 19.20 2.85 2.33
C LEU B 203 19.30 4.05 3.28
N HIS B 204 20.29 4.00 4.18
CA HIS B 204 20.58 5.09 5.16
C HIS B 204 22.04 4.98 5.63
N LEU B 205 22.50 5.94 6.43
CA LEU B 205 23.77 5.82 7.19
C LEU B 205 23.53 6.10 8.69
N ASP B 206 24.46 5.63 9.53
CA ASP B 206 24.48 5.84 11.00
C ASP B 206 25.74 6.65 11.35
N VAL B 207 25.66 7.47 12.40
CA VAL B 207 26.71 8.46 12.78
C VAL B 207 27.78 7.81 13.65
N SER B 208 27.57 6.57 14.12
CA SER B 208 28.57 5.83 14.92
C SER B 208 28.91 4.51 14.21
N ASP B 209 30.00 3.84 14.62
CA ASP B 209 30.24 2.41 14.30
C ASP B 209 29.12 1.57 14.95
N ALA B 210 28.86 0.38 14.41
CA ALA B 210 27.87 -0.59 14.93
C ALA B 210 28.28 -2.02 14.59
N VAL B 211 27.80 -2.97 15.39
CA VAL B 211 27.81 -4.42 15.09
C VAL B 211 26.35 -4.92 15.16
N ASN B 212 25.91 -5.68 14.15
CA ASN B 212 24.52 -6.23 14.07
C ASN B 212 24.60 -7.75 14.11
N VAL B 213 23.96 -8.40 15.09
CA VAL B 213 24.03 -9.88 15.32
C VAL B 213 22.69 -10.54 14.93
N MET B 214 22.72 -11.52 14.04
CA MET B 214 21.51 -12.33 13.70
C MET B 214 21.33 -13.38 14.82
N VAL B 215 20.32 -13.25 15.68
CA VAL B 215 20.14 -14.22 16.81
C VAL B 215 19.03 -15.25 16.53
N TYR B 216 18.18 -15.08 15.52
CA TYR B 216 17.15 -16.10 15.20
C TYR B 216 16.67 -15.91 13.76
N VAL B 217 16.51 -17.01 13.03
CA VAL B 217 15.97 -17.01 11.64
C VAL B 217 14.82 -18.03 11.61
N GLY B 218 13.62 -17.55 11.24
CA GLY B 218 12.37 -18.34 11.25
C GLY B 218 11.94 -18.65 9.83
N ILE B 219 11.89 -19.93 9.51
CA ILE B 219 11.56 -20.41 8.14
C ILE B 219 10.15 -21.01 8.18
N PRO B 220 9.11 -20.34 7.63
CA PRO B 220 7.77 -20.93 7.49
C PRO B 220 7.79 -22.19 6.61
N ILE B 221 6.75 -23.06 6.69
CA ILE B 221 6.52 -24.18 5.72
C ILE B 221 5.19 -23.97 4.97
N ALA B 225 8.11 -24.88 1.40
CA ALA B 225 9.47 -24.39 1.06
C ALA B 225 9.43 -23.61 -0.27
N HIS B 226 9.26 -22.28 -0.19
CA HIS B 226 9.31 -21.34 -1.35
C HIS B 226 10.73 -20.76 -1.44
N ASP B 227 11.73 -21.60 -1.19
CA ASP B 227 13.18 -21.38 -1.46
C ASP B 227 13.39 -20.85 -2.89
N GLU B 228 12.35 -20.80 -3.73
CA GLU B 228 12.43 -20.48 -5.17
C GLU B 228 12.77 -19.00 -5.34
N GLU B 229 11.92 -18.12 -4.81
CA GLU B 229 12.06 -16.65 -4.90
C GLU B 229 13.31 -16.20 -4.11
N VAL B 230 13.67 -16.94 -3.05
CA VAL B 230 14.82 -16.64 -2.18
C VAL B 230 16.12 -16.78 -2.98
N LEU B 231 16.34 -17.91 -3.67
CA LEU B 231 17.59 -18.19 -4.46
C LEU B 231 17.69 -17.21 -5.65
N LYS B 232 16.57 -16.85 -6.26
CA LYS B 232 16.56 -15.84 -7.35
C LYS B 232 16.95 -14.49 -6.74
N THR B 233 16.44 -14.14 -5.56
CA THR B 233 16.71 -12.82 -4.91
C THR B 233 18.20 -12.72 -4.52
N ILE B 234 18.77 -13.83 -4.08
CA ILE B 234 20.21 -14.00 -3.70
C ILE B 234 21.07 -13.74 -4.94
N ASP B 235 20.65 -14.30 -6.08
CA ASP B 235 21.44 -14.30 -7.34
C ASP B 235 21.43 -12.89 -7.95
N GLU B 236 20.25 -12.39 -8.31
CA GLU B 236 19.96 -10.99 -8.75
C GLU B 236 20.59 -9.99 -7.75
N GLY B 237 20.59 -10.36 -6.46
CA GLY B 237 21.24 -9.63 -5.35
C GLY B 237 22.73 -9.43 -5.55
N ASP B 238 23.40 -10.31 -6.32
CA ASP B 238 24.84 -10.25 -6.69
C ASP B 238 25.66 -10.88 -5.56
N ALA B 239 25.11 -11.85 -4.82
CA ALA B 239 25.89 -12.67 -3.86
C ALA B 239 26.94 -13.48 -4.63
N ASP B 240 28.10 -13.74 -4.01
CA ASP B 240 29.24 -14.45 -4.64
C ASP B 240 28.91 -15.94 -4.71
N GLU B 241 29.66 -16.72 -5.50
CA GLU B 241 29.32 -18.11 -5.86
C GLU B 241 29.49 -19.02 -4.63
N VAL B 242 30.42 -18.73 -3.74
CA VAL B 242 30.63 -19.54 -2.50
C VAL B 242 29.33 -19.49 -1.67
N THR B 243 28.76 -18.30 -1.53
CA THR B 243 27.55 -17.98 -0.73
C THR B 243 26.34 -18.74 -1.33
N LYS B 244 26.14 -18.63 -2.64
CA LYS B 244 25.05 -19.30 -3.42
C LYS B 244 25.16 -20.81 -3.29
N GLU B 245 26.33 -21.38 -3.57
CA GLU B 245 26.53 -22.86 -3.53
C GLU B 245 26.41 -23.28 -2.06
N ARG B 246 26.73 -22.37 -1.14
CA ARG B 246 26.71 -22.63 0.32
C ARG B 246 25.27 -22.79 0.83
N ILE B 247 24.24 -22.34 0.11
CA ILE B 247 22.83 -22.52 0.59
C ILE B 247 22.25 -23.87 0.14
N HIS B 248 23.11 -24.83 -0.25
CA HIS B 248 22.75 -26.26 -0.48
C HIS B 248 24.01 -27.14 -0.53
N ASP B 249 25.10 -26.70 0.13
CA ASP B 249 26.31 -27.55 0.40
C ASP B 249 26.32 -27.88 1.89
N HIS B 250 25.58 -27.10 2.68
CA HIS B 250 25.21 -27.35 4.10
C HIS B 250 23.70 -27.14 4.22
N LYS B 251 23.16 -26.93 5.43
CA LYS B 251 21.75 -26.43 5.57
C LYS B 251 21.73 -25.36 6.66
N GLU B 252 22.51 -24.28 6.46
CA GLU B 252 22.48 -23.07 7.34
C GLU B 252 21.21 -22.29 6.98
N LYS B 253 20.84 -21.39 7.89
CA LYS B 253 19.65 -20.53 7.81
C LYS B 253 20.07 -19.14 7.34
N PRO B 254 19.88 -18.81 6.03
CA PRO B 254 20.14 -17.45 5.55
C PRO B 254 19.01 -16.50 5.96
N GLY B 255 19.34 -15.36 6.60
CA GLY B 255 18.34 -14.44 7.20
C GLY B 255 18.11 -13.19 6.35
N ALA B 256 19.17 -12.46 6.01
CA ALA B 256 19.01 -11.15 5.33
C ALA B 256 20.09 -10.92 4.27
N LEU B 257 19.70 -10.22 3.21
CA LEU B 257 20.61 -9.72 2.18
C LEU B 257 20.86 -8.24 2.46
N TRP B 258 22.13 -7.92 2.74
CA TRP B 258 22.64 -6.53 2.92
C TRP B 258 23.29 -6.03 1.62
N HIS B 259 23.17 -4.75 1.32
CA HIS B 259 24.11 -4.00 0.45
C HIS B 259 24.78 -2.89 1.27
N ILE B 260 26.10 -2.89 1.38
CA ILE B 260 26.85 -1.86 2.13
C ILE B 260 27.80 -1.12 1.18
N TYR B 261 27.89 0.20 1.31
CA TYR B 261 28.78 1.08 0.50
C TYR B 261 29.79 1.76 1.42
N ALA B 262 30.99 2.04 0.90
CA ALA B 262 32.06 2.81 1.57
C ALA B 262 31.55 4.22 1.92
N ALA B 263 31.87 4.69 3.13
CA ALA B 263 31.57 6.07 3.59
C ALA B 263 32.00 7.12 2.54
N LYS B 264 33.13 6.90 1.87
CA LYS B 264 33.68 7.88 0.90
C LYS B 264 32.84 7.95 -0.37
N ASP B 265 31.94 6.97 -0.64
CA ASP B 265 31.09 6.91 -1.87
C ASP B 265 29.68 7.46 -1.60
N ALA B 266 29.41 8.03 -0.43
CA ALA B 266 28.04 8.48 -0.05
C ALA B 266 27.60 9.60 -0.99
N GLU B 267 28.48 10.54 -1.33
CA GLU B 267 28.09 11.79 -2.06
C GLU B 267 27.78 11.40 -3.51
N LYS B 268 28.53 10.46 -4.09
CA LYS B 268 28.24 9.90 -5.43
C LYS B 268 26.87 9.22 -5.43
N ILE B 269 26.45 8.62 -4.30
CA ILE B 269 25.13 7.93 -4.19
C ILE B 269 24.05 9.01 -4.14
N ARG B 270 24.31 10.10 -3.41
CA ARG B 270 23.38 11.26 -3.33
C ARG B 270 23.17 11.83 -4.74
N GLU B 271 24.21 11.94 -5.55
CA GLU B 271 24.13 12.48 -6.95
C GLU B 271 23.19 11.62 -7.77
N LEU B 272 23.42 10.30 -7.85
CA LEU B 272 22.54 9.35 -8.58
C LEU B 272 21.08 9.57 -8.17
N LEU B 273 20.78 9.53 -6.88
CA LEU B 273 19.38 9.54 -6.39
C LEU B 273 18.74 10.94 -6.49
N ARG B 274 19.54 12.03 -6.56
CA ARG B 274 19.02 13.37 -6.94
C ARG B 274 18.54 13.27 -8.40
N LYS B 275 19.38 12.77 -9.30
CA LYS B 275 19.06 12.62 -10.74
C LYS B 275 17.79 11.77 -10.91
N VAL B 276 17.77 10.55 -10.35
CA VAL B 276 16.69 9.56 -10.58
C VAL B 276 15.35 10.13 -10.09
N GLY B 277 15.33 10.79 -8.93
CA GLY B 277 14.09 11.37 -8.37
C GLY B 277 13.56 12.49 -9.26
N GLU B 278 14.44 13.19 -9.97
CA GLU B 278 14.10 14.29 -10.93
C GLU B 278 13.36 13.64 -12.11
N GLU B 279 13.88 12.50 -12.59
CA GLU B 279 13.30 11.69 -13.69
C GLU B 279 11.93 11.12 -13.27
N GLN B 280 11.66 11.00 -11.97
CA GLN B 280 10.44 10.33 -11.43
C GLN B 280 9.40 11.38 -11.03
N GLY B 281 9.67 12.67 -11.20
CA GLY B 281 8.69 13.75 -10.92
C GLY B 281 9.06 14.57 -9.70
N GLN B 282 9.54 13.94 -8.62
CA GLN B 282 9.97 14.63 -7.37
C GLN B 282 10.54 16.02 -7.70
N GLU B 283 10.09 17.06 -6.97
CA GLU B 283 10.67 18.43 -6.99
C GLU B 283 11.41 18.65 -5.67
N ASN B 284 12.75 18.50 -5.69
CA ASN B 284 13.64 18.59 -4.51
C ASN B 284 14.64 19.72 -4.79
N PRO B 285 15.07 20.52 -3.78
CA PRO B 285 16.18 21.46 -3.96
C PRO B 285 17.49 20.72 -4.23
N PRO B 286 18.54 21.41 -4.73
CA PRO B 286 19.79 20.75 -5.10
C PRO B 286 20.64 20.31 -3.88
N ASP B 287 20.29 20.80 -2.69
CA ASP B 287 20.94 20.48 -1.37
C ASP B 287 20.37 19.18 -0.79
N HIS B 288 19.27 18.72 -1.36
CA HIS B 288 18.45 17.59 -0.83
C HIS B 288 19.30 16.33 -0.62
N ASP B 289 19.04 15.61 0.48
CA ASP B 289 19.87 14.44 0.91
C ASP B 289 19.00 13.18 0.92
N PRO B 290 19.01 12.41 -0.19
CA PRO B 290 18.18 11.21 -0.27
C PRO B 290 18.61 10.06 0.65
N ILE B 291 19.86 10.07 1.15
CA ILE B 291 20.33 9.09 2.18
C ILE B 291 19.67 9.48 3.50
N HIS B 292 19.77 10.76 3.89
CA HIS B 292 19.06 11.28 5.09
C HIS B 292 17.56 10.97 5.00
N ASP B 293 16.95 10.98 3.81
CA ASP B 293 15.49 10.75 3.67
C ASP B 293 15.07 9.32 4.04
N GLN B 294 15.96 8.34 3.89
CA GLN B 294 15.67 6.90 4.17
C GLN B 294 14.45 6.44 3.32
N SER B 295 14.32 6.94 2.09
CA SER B 295 13.15 6.70 1.21
C SER B 295 13.50 5.80 0.00
N TRP B 296 14.74 5.32 -0.16
CA TRP B 296 15.18 4.52 -1.34
C TRP B 296 15.60 3.08 -0.96
N TYR B 297 15.24 2.09 -1.78
CA TYR B 297 15.96 0.79 -1.80
C TYR B 297 16.61 0.62 -3.16
N LEU B 298 17.93 0.41 -3.22
CA LEU B 298 18.65 0.23 -4.51
C LEU B 298 18.39 -1.19 -5.04
N ASP B 299 17.52 -1.29 -6.06
CA ASP B 299 17.13 -2.55 -6.75
C ASP B 299 18.22 -2.92 -7.75
N GLN B 300 18.03 -3.96 -8.55
CA GLN B 300 19.08 -4.41 -9.50
C GLN B 300 19.38 -3.29 -10.50
N THR B 301 18.35 -2.59 -10.97
CA THR B 301 18.49 -1.53 -12.00
C THR B 301 19.36 -0.40 -11.44
N LEU B 302 19.00 0.09 -10.25
CA LEU B 302 19.69 1.24 -9.61
C LEU B 302 21.14 0.86 -9.23
N ARG B 303 21.38 -0.36 -8.73
CA ARG B 303 22.74 -0.82 -8.35
C ARG B 303 23.63 -0.83 -9.61
N LYS B 304 23.14 -1.41 -10.70
CA LYS B 304 23.91 -1.55 -11.97
C LYS B 304 24.26 -0.15 -12.47
N ARG B 305 23.28 0.74 -12.53
CA ARG B 305 23.45 2.15 -12.95
C ARG B 305 24.49 2.86 -12.07
N LEU B 306 24.46 2.64 -10.74
CA LEU B 306 25.44 3.22 -9.78
C LEU B 306 26.84 2.75 -10.15
N TYR B 307 27.02 1.48 -10.51
CA TYR B 307 28.35 0.97 -10.95
C TYR B 307 28.79 1.64 -12.25
N GLU B 308 27.94 1.54 -13.28
N GLU B 308 27.95 1.58 -13.28
CA GLU B 308 28.17 2.04 -14.67
CA GLU B 308 28.29 2.03 -14.66
C GLU B 308 28.50 3.53 -14.63
C GLU B 308 28.51 3.56 -14.67
N GLU B 309 27.56 4.35 -14.17
CA GLU B 309 27.65 5.84 -14.22
C GLU B 309 28.72 6.40 -13.27
N TYR B 310 28.94 5.84 -12.08
CA TYR B 310 29.72 6.53 -11.01
C TYR B 310 30.90 5.72 -10.50
N GLY B 311 31.05 4.45 -10.88
CA GLY B 311 32.20 3.61 -10.49
C GLY B 311 32.05 2.95 -9.12
N VAL B 312 30.85 2.99 -8.51
CA VAL B 312 30.64 2.57 -7.09
C VAL B 312 30.10 1.14 -7.04
N GLN B 313 30.87 0.24 -6.42
CA GLN B 313 30.65 -1.22 -6.41
C GLN B 313 29.73 -1.62 -5.23
N GLY B 314 30.19 -1.49 -3.97
CA GLY B 314 29.43 -1.95 -2.78
C GLY B 314 29.66 -3.43 -2.45
N TRP B 315 29.28 -3.87 -1.25
CA TRP B 315 29.38 -5.28 -0.80
C TRP B 315 27.97 -5.87 -0.66
N ALA B 316 27.68 -6.98 -1.34
CA ALA B 316 26.45 -7.78 -1.17
C ALA B 316 26.71 -8.88 -0.15
N ILE B 317 26.07 -8.81 1.02
CA ILE B 317 26.35 -9.75 2.14
C ILE B 317 25.08 -10.52 2.53
N VAL B 318 25.17 -11.85 2.61
CA VAL B 318 24.11 -12.69 3.21
C VAL B 318 24.48 -12.95 4.66
N GLN B 319 23.64 -12.48 5.58
CA GLN B 319 23.81 -12.68 7.04
C GLN B 319 23.00 -13.92 7.45
N PHE B 320 23.69 -14.99 7.87
CA PHE B 320 23.09 -16.27 8.33
C PHE B 320 22.93 -16.21 9.85
N LEU B 321 22.20 -17.16 10.43
CA LEU B 321 22.06 -17.30 11.91
C LEU B 321 23.47 -17.23 12.53
N GLY B 322 23.67 -16.34 13.51
CA GLY B 322 24.92 -16.20 14.27
C GLY B 322 25.95 -15.26 13.61
N ASP B 323 25.69 -14.71 12.43
CA ASP B 323 26.65 -13.78 11.78
C ASP B 323 26.50 -12.38 12.39
N ALA B 324 27.63 -11.78 12.76
CA ALA B 324 27.74 -10.40 13.22
C ALA B 324 28.37 -9.56 12.11
N VAL B 325 27.64 -8.53 11.65
CA VAL B 325 28.10 -7.63 10.55
C VAL B 325 28.54 -6.32 11.19
N PHE B 326 29.82 -5.96 10.98
CA PHE B 326 30.44 -4.71 11.50
C PHE B 326 30.29 -3.65 10.43
N ILE B 327 29.65 -2.52 10.77
CA ILE B 327 29.29 -1.45 9.79
C ILE B 327 30.03 -0.17 10.17
N PRO B 328 30.98 0.34 9.36
CA PRO B 328 31.67 1.60 9.65
C PRO B 328 30.73 2.81 9.68
N ALA B 329 30.98 3.72 10.62
CA ALA B 329 30.29 5.02 10.72
C ALA B 329 30.25 5.70 9.33
N GLY B 330 29.08 6.13 8.88
CA GLY B 330 28.88 6.84 7.60
C GLY B 330 28.81 5.92 6.38
N ALA B 331 28.99 4.60 6.51
CA ALA B 331 28.83 3.68 5.36
C ALA B 331 27.34 3.51 5.08
N PRO B 332 26.81 4.00 3.94
CA PRO B 332 25.40 3.74 3.59
C PRO B 332 25.07 2.26 3.42
N HIS B 333 23.90 1.86 3.89
CA HIS B 333 23.51 0.43 3.83
C HIS B 333 21.99 0.26 3.80
N GLN B 334 21.56 -0.88 3.29
CA GLN B 334 20.13 -1.29 3.18
C GLN B 334 20.06 -2.76 3.53
N VAL B 335 18.89 -3.22 3.99
CA VAL B 335 18.68 -4.62 4.44
C VAL B 335 17.39 -5.17 3.81
N HIS B 336 17.42 -6.41 3.31
CA HIS B 336 16.24 -7.10 2.72
C HIS B 336 16.11 -8.48 3.37
N ASN B 337 15.14 -8.68 4.28
CA ASN B 337 14.94 -9.98 4.99
C ASN B 337 14.43 -11.02 3.99
N LEU B 338 15.14 -12.14 3.92
CA LEU B 338 14.82 -13.33 3.09
C LEU B 338 13.80 -14.19 3.83
N TYR B 339 14.00 -14.33 5.15
CA TYR B 339 13.06 -15.01 6.08
C TYR B 339 12.76 -14.07 7.25
N SER B 340 11.95 -14.53 8.21
CA SER B 340 11.69 -13.73 9.43
C SER B 340 12.97 -13.73 10.28
N CYS B 341 13.40 -12.57 10.76
CA CYS B 341 14.70 -12.38 11.48
C CYS B 341 14.51 -11.66 12.79
N ILE B 342 15.20 -12.12 13.85
CA ILE B 342 15.48 -11.33 15.07
C ILE B 342 16.96 -10.92 15.02
N LYS B 343 17.25 -9.62 15.00
CA LYS B 343 18.63 -9.07 15.01
C LYS B 343 18.77 -8.16 16.23
N VAL B 344 20.00 -8.08 16.81
CA VAL B 344 20.34 -7.10 17.89
C VAL B 344 21.63 -6.40 17.50
N ALA B 345 21.66 -5.07 17.58
CA ALA B 345 22.79 -4.18 17.17
C ALA B 345 23.24 -3.33 18.36
N GLU B 346 24.56 -3.08 18.47
CA GLU B 346 25.19 -2.23 19.51
C GLU B 346 26.04 -1.18 18.79
N ASP B 347 25.84 0.11 19.07
CA ASP B 347 26.70 1.20 18.54
C ASP B 347 28.01 1.24 19.36
N PHE B 348 29.10 1.68 18.75
CA PHE B 348 30.39 1.94 19.46
C PHE B 348 31.21 3.00 18.69
N VAL B 349 32.35 3.45 19.23
CA VAL B 349 33.23 4.45 18.55
C VAL B 349 34.67 3.93 18.57
N SER B 350 35.18 3.50 17.42
CA SER B 350 36.58 3.05 17.28
C SER B 350 37.51 4.24 17.07
N PRO B 351 38.79 4.19 17.51
CA PRO B 351 39.76 5.24 17.18
C PRO B 351 39.93 5.52 15.68
N GLU B 352 39.91 4.45 14.89
CA GLU B 352 40.10 4.47 13.42
C GLU B 352 39.07 5.41 12.79
N HIS B 353 37.84 5.53 13.33
CA HIS B 353 36.73 6.29 12.68
C HIS B 353 36.31 7.53 13.50
N VAL B 354 37.07 7.96 14.49
CA VAL B 354 36.63 9.07 15.41
C VAL B 354 36.48 10.37 14.61
N LYS B 355 37.33 10.63 13.63
CA LYS B 355 37.20 11.87 12.81
C LYS B 355 35.85 11.83 12.05
N HIS B 356 35.51 10.69 11.45
CA HIS B 356 34.22 10.49 10.73
C HIS B 356 33.04 10.79 11.66
N CYS B 357 33.07 10.22 12.88
CA CYS B 357 32.00 10.34 13.91
C CYS B 357 31.73 11.83 14.23
N PHE B 358 32.79 12.65 14.36
CA PHE B 358 32.68 14.11 14.60
C PHE B 358 31.96 14.79 13.43
N ARG B 359 32.35 14.48 12.20
CA ARG B 359 31.80 15.14 10.98
C ARG B 359 30.34 14.71 10.76
N LEU B 360 30.03 13.43 10.93
CA LEU B 360 28.64 12.92 10.74
C LEU B 360 27.73 13.51 11.82
N THR B 361 28.20 13.63 13.06
CA THR B 361 27.43 14.22 14.19
C THR B 361 27.08 15.66 13.80
N GLN B 362 28.05 16.38 13.24
CA GLN B 362 27.94 17.80 12.82
C GLN B 362 26.83 17.88 11.76
N GLU B 363 26.94 17.06 10.69
CA GLU B 363 25.99 17.08 9.55
C GLU B 363 24.61 16.66 10.07
N PHE B 364 24.52 15.73 11.03
CA PHE B 364 23.20 15.29 11.58
C PHE B 364 22.50 16.48 12.26
N ARG B 365 23.19 17.25 13.11
CA ARG B 365 22.65 18.49 13.73
C ARG B 365 22.20 19.49 12.65
N HIS B 366 22.98 19.70 11.59
CA HIS B 366 22.64 20.62 10.46
C HIS B 366 21.35 20.18 9.76
N LEU B 367 21.22 18.89 9.41
CA LEU B 367 20.04 18.30 8.72
C LEU B 367 18.82 18.31 9.65
N SER B 368 19.02 18.37 10.97
CA SER B 368 17.94 18.39 12.00
C SER B 368 17.09 19.65 11.86
N ASN B 369 17.74 20.83 11.87
CA ASN B 369 17.08 22.16 11.98
C ASN B 369 17.44 23.01 10.77
#